data_2M3O
#
_entry.id   2M3O
#
loop_
_entity.id
_entity.type
_entity.pdbx_description
1 polymer 'E3 ubiquitin-protein ligase NEDD4'
2 polymer 'Amiloride-sensitive sodium channel subunit alpha'
#
loop_
_entity_poly.entity_id
_entity_poly.type
_entity_poly.pdbx_seq_one_letter_code
_entity_poly.pdbx_strand_id
1 'polypeptide(L)' GSMEQGFLPKGWEVRHAPNGRPFFIDHNTKTTTWEDPRLKIPA W
2 'polypeptide(L)' TAPPPAYATLG P
#
# COMPACT_ATOMS: atom_id res chain seq x y z
N GLY A 1 -8.19 -12.51 -10.97
CA GLY A 1 -7.09 -13.21 -11.70
C GLY A 1 -5.86 -13.35 -10.82
N SER A 2 -4.68 -13.22 -11.42
CA SER A 2 -3.44 -13.29 -10.66
C SER A 2 -3.32 -12.09 -9.75
N MET A 3 -3.06 -12.36 -8.48
CA MET A 3 -2.92 -11.31 -7.48
C MET A 3 -1.53 -11.36 -6.87
N GLU A 4 -1.41 -12.07 -5.75
CA GLU A 4 -0.14 -12.33 -5.08
C GLU A 4 0.67 -11.05 -4.83
N GLN A 5 0.28 -10.31 -3.79
CA GLN A 5 1.01 -9.12 -3.37
C GLN A 5 2.52 -9.35 -3.30
N GLY A 6 3.21 -8.88 -4.33
CA GLY A 6 4.65 -9.00 -4.41
C GLY A 6 5.21 -7.91 -5.29
N PHE A 7 4.56 -7.74 -6.44
CA PHE A 7 4.90 -6.66 -7.36
C PHE A 7 3.72 -5.70 -7.42
N LEU A 8 4.01 -4.42 -7.40
CA LEU A 8 2.95 -3.41 -7.39
C LEU A 8 2.96 -2.60 -8.67
N PRO A 9 1.81 -1.98 -9.02
CA PRO A 9 1.70 -1.13 -10.20
C PRO A 9 2.51 0.15 -10.07
N LYS A 10 2.59 0.91 -11.16
CA LYS A 10 3.32 2.17 -11.18
C LYS A 10 2.78 3.13 -10.12
N GLY A 11 3.69 3.78 -9.41
CA GLY A 11 3.30 4.72 -8.36
C GLY A 11 2.86 4.04 -7.08
N TRP A 12 2.77 2.72 -7.07
CA TRP A 12 2.32 1.99 -5.89
C TRP A 12 3.49 1.37 -5.15
N GLU A 13 3.61 1.68 -3.87
CA GLU A 13 4.64 1.12 -3.02
C GLU A 13 3.98 0.26 -1.94
N VAL A 14 4.76 -0.56 -1.27
CA VAL A 14 4.24 -1.35 -0.16
C VAL A 14 5.22 -1.30 1.01
N ARG A 15 4.70 -1.11 2.20
CA ARG A 15 5.54 -1.01 3.39
C ARG A 15 4.92 -1.80 4.54
N HIS A 16 5.67 -1.96 5.61
CA HIS A 16 5.19 -2.69 6.77
C HIS A 16 4.88 -1.73 7.91
N ALA A 17 3.74 -1.92 8.53
CA ALA A 17 3.34 -1.10 9.66
C ALA A 17 3.93 -1.69 10.92
N PRO A 18 4.12 -0.87 11.97
CA PRO A 18 4.68 -1.35 13.25
C PRO A 18 3.85 -2.49 13.85
N ASN A 19 2.59 -2.57 13.45
CA ASN A 19 1.70 -3.64 13.89
C ASN A 19 2.02 -4.96 13.19
N GLY A 20 2.80 -4.89 12.12
CA GLY A 20 3.20 -6.10 11.41
C GLY A 20 2.49 -6.25 10.07
N ARG A 21 1.37 -5.56 9.92
CA ARG A 21 0.59 -5.63 8.69
C ARG A 21 1.19 -4.74 7.60
N PRO A 22 1.19 -5.22 6.35
CA PRO A 22 1.69 -4.46 5.22
C PRO A 22 0.63 -3.51 4.66
N PHE A 23 1.06 -2.32 4.28
CA PHE A 23 0.16 -1.34 3.70
C PHE A 23 0.77 -0.78 2.42
N PHE A 24 -0.10 -0.40 1.50
CA PHE A 24 0.32 0.11 0.20
C PHE A 24 0.32 1.63 0.22
N ILE A 25 1.32 2.20 -0.44
CA ILE A 25 1.51 3.65 -0.48
C ILE A 25 1.49 4.14 -1.92
N ASP A 26 0.50 4.94 -2.26
CA ASP A 26 0.39 5.48 -3.61
C ASP A 26 1.14 6.80 -3.72
N HIS A 27 2.25 6.77 -4.44
CA HIS A 27 3.07 7.97 -4.67
C HIS A 27 2.31 9.06 -5.43
N ASN A 28 1.30 8.66 -6.18
CA ASN A 28 0.56 9.59 -7.04
C ASN A 28 -0.22 10.63 -6.23
N THR A 29 -1.10 10.17 -5.35
CA THR A 29 -1.93 11.10 -4.58
C THR A 29 -1.56 11.12 -3.08
N LYS A 30 -0.42 10.49 -2.76
CA LYS A 30 0.12 10.48 -1.40
C LYS A 30 -0.80 9.77 -0.42
N THR A 31 -1.55 8.80 -0.90
CA THR A 31 -2.49 8.10 -0.04
C THR A 31 -1.97 6.71 0.32
N THR A 32 -2.37 6.22 1.48
CA THR A 32 -2.01 4.91 1.94
C THR A 32 -3.24 4.03 2.08
N THR A 33 -3.10 2.74 1.82
CA THR A 33 -4.23 1.83 1.90
C THR A 33 -3.82 0.45 2.40
N TRP A 34 -4.75 -0.23 3.06
CA TRP A 34 -4.51 -1.57 3.58
C TRP A 34 -5.06 -2.60 2.59
N GLU A 35 -5.80 -2.09 1.61
CA GLU A 35 -6.46 -2.93 0.62
C GLU A 35 -5.50 -3.24 -0.51
N ASP A 36 -5.70 -4.38 -1.15
CA ASP A 36 -4.81 -4.82 -2.22
C ASP A 36 -5.37 -4.40 -3.58
N PRO A 37 -4.58 -3.66 -4.36
CA PRO A 37 -5.01 -3.14 -5.66
C PRO A 37 -4.90 -4.17 -6.79
N ARG A 38 -4.34 -5.34 -6.51
CA ARG A 38 -4.18 -6.35 -7.55
C ARG A 38 -5.36 -7.34 -7.55
N LEU A 39 -5.93 -7.60 -6.38
CA LEU A 39 -7.08 -8.51 -6.30
C LEU A 39 -8.36 -7.80 -6.74
N LYS A 40 -8.25 -6.49 -6.93
CA LYS A 40 -9.33 -5.68 -7.46
C LYS A 40 -8.89 -5.14 -8.80
N ILE A 41 -9.71 -5.31 -9.83
CA ILE A 41 -9.29 -4.95 -11.17
C ILE A 41 -9.94 -3.65 -11.63
N PRO A 42 -9.13 -2.61 -11.83
CA PRO A 42 -9.61 -1.33 -12.35
C PRO A 42 -9.90 -1.43 -13.85
N ALA A 43 -11.15 -1.19 -14.22
CA ALA A 43 -11.58 -1.28 -15.61
C ALA A 43 -12.90 -0.55 -15.80
N THR B 1 -7.30 -0.84 12.98
CA THR B 1 -7.65 0.00 14.12
C THR B 1 -6.80 1.27 14.13
N ALA B 2 -5.65 1.22 13.46
CA ALA B 2 -4.75 2.35 13.39
C ALA B 2 -4.45 2.70 11.94
N PRO B 3 -4.28 3.99 11.62
CA PRO B 3 -3.94 4.44 10.27
C PRO B 3 -2.46 4.28 9.99
N PRO B 4 -2.08 4.07 8.72
CA PRO B 4 -0.69 3.92 8.34
C PRO B 4 0.03 5.27 8.20
N PRO B 5 1.34 5.29 8.46
CA PRO B 5 2.14 6.52 8.35
C PRO B 5 2.11 7.08 6.93
N ALA B 6 2.04 8.40 6.83
CA ALA B 6 2.00 9.07 5.53
C ALA B 6 3.33 8.94 4.81
N TYR B 7 3.31 9.21 3.51
CA TYR B 7 4.49 9.09 2.67
C TYR B 7 5.61 10.02 3.13
N ALA B 8 5.23 11.21 3.53
CA ALA B 8 6.19 12.20 4.01
C ALA B 8 6.64 11.86 5.42
N THR B 9 5.83 11.06 6.09
CA THR B 9 6.11 10.62 7.45
C THR B 9 7.15 9.51 7.47
N LEU B 10 7.08 8.63 6.47
CA LEU B 10 7.97 7.49 6.39
C LEU B 10 9.23 7.83 5.59
N GLY B 11 9.26 9.01 5.00
CA GLY B 11 10.41 9.43 4.23
C GLY B 11 11.26 10.45 4.96
N GLY A 1 -7.77 -13.01 4.08
CA GLY A 1 -7.34 -13.01 2.66
C GLY A 1 -5.87 -13.32 2.53
N SER A 2 -5.42 -13.52 1.30
CA SER A 2 -4.04 -13.85 1.02
C SER A 2 -3.68 -13.46 -0.41
N MET A 3 -2.67 -12.62 -0.55
CA MET A 3 -2.22 -12.17 -1.86
C MET A 3 -0.78 -12.57 -2.10
N GLU A 4 -0.55 -13.28 -3.20
CA GLU A 4 0.79 -13.72 -3.57
C GLU A 4 1.69 -12.51 -3.85
N GLN A 5 2.84 -12.47 -3.18
CA GLN A 5 3.81 -11.41 -3.39
C GLN A 5 4.30 -11.41 -4.84
N GLY A 6 3.93 -10.35 -5.56
CA GLY A 6 4.31 -10.22 -6.94
C GLY A 6 4.77 -8.82 -7.24
N PHE A 7 4.13 -8.17 -8.19
CA PHE A 7 4.47 -6.80 -8.55
C PHE A 7 3.30 -5.87 -8.34
N LEU A 8 3.61 -4.65 -7.91
CA LEU A 8 2.60 -3.63 -7.67
C LEU A 8 2.45 -2.73 -8.89
N PRO A 9 1.28 -2.10 -9.05
CA PRO A 9 1.04 -1.18 -10.17
C PRO A 9 1.94 0.06 -10.10
N LYS A 10 2.03 0.77 -11.22
CA LYS A 10 2.85 1.98 -11.30
C LYS A 10 2.56 2.94 -10.15
N GLY A 11 3.62 3.31 -9.45
CA GLY A 11 3.51 4.25 -8.35
C GLY A 11 2.95 3.65 -7.07
N TRP A 12 2.73 2.35 -7.04
CA TRP A 12 2.20 1.72 -5.84
C TRP A 12 3.30 1.01 -5.08
N GLU A 13 3.47 1.39 -3.82
CA GLU A 13 4.50 0.82 -2.96
C GLU A 13 3.82 0.05 -1.84
N VAL A 14 4.58 -0.76 -1.13
CA VAL A 14 4.07 -1.49 0.01
C VAL A 14 5.07 -1.42 1.15
N ARG A 15 4.59 -1.08 2.35
CA ARG A 15 5.45 -0.97 3.51
C ARG A 15 4.94 -1.88 4.62
N HIS A 16 5.80 -2.18 5.58
CA HIS A 16 5.42 -3.02 6.70
C HIS A 16 5.07 -2.17 7.90
N ALA A 17 3.83 -2.27 8.37
CA ALA A 17 3.38 -1.49 9.50
C ALA A 17 3.93 -2.07 10.80
N PRO A 18 4.06 -1.24 11.86
CA PRO A 18 4.56 -1.69 13.15
C PRO A 18 3.72 -2.81 13.73
N ASN A 19 2.49 -2.94 13.25
CA ASN A 19 1.57 -3.99 13.69
C ASN A 19 2.05 -5.36 13.21
N GLY A 20 2.95 -5.35 12.23
CA GLY A 20 3.47 -6.59 11.69
C GLY A 20 2.75 -7.02 10.44
N ARG A 21 2.04 -6.09 9.80
CA ARG A 21 1.31 -6.39 8.58
C ARG A 21 1.55 -5.27 7.56
N PRO A 22 1.78 -5.62 6.28
CA PRO A 22 2.05 -4.64 5.22
C PRO A 22 0.84 -3.81 4.82
N PHE A 23 1.13 -2.58 4.39
CA PHE A 23 0.12 -1.69 3.86
C PHE A 23 0.68 -1.04 2.59
N PHE A 24 -0.21 -0.56 1.73
CA PHE A 24 0.21 -0.03 0.45
C PHE A 24 0.26 1.50 0.46
N ILE A 25 1.26 2.03 -0.22
CA ILE A 25 1.49 3.46 -0.30
C ILE A 25 1.49 3.91 -1.74
N ASP A 26 0.53 4.72 -2.12
CA ASP A 26 0.44 5.21 -3.48
C ASP A 26 1.30 6.46 -3.69
N HIS A 27 2.40 6.29 -4.41
CA HIS A 27 3.30 7.40 -4.75
C HIS A 27 2.58 8.49 -5.54
N ASN A 28 1.50 8.13 -6.23
CA ASN A 28 0.79 9.08 -7.08
C ASN A 28 0.21 10.23 -6.26
N THR A 29 -0.61 9.93 -5.26
CA THR A 29 -1.21 10.97 -4.44
C THR A 29 -0.63 11.01 -3.02
N LYS A 30 0.40 10.18 -2.78
CA LYS A 30 1.09 10.15 -1.49
C LYS A 30 0.19 9.64 -0.37
N THR A 31 -0.73 8.77 -0.70
CA THR A 31 -1.67 8.24 0.28
C THR A 31 -1.31 6.82 0.67
N THR A 32 -1.84 6.37 1.79
CA THR A 32 -1.61 5.02 2.28
C THR A 32 -2.93 4.29 2.44
N THR A 33 -2.96 3.01 2.12
CA THR A 33 -4.18 2.23 2.23
C THR A 33 -3.88 0.78 2.59
N TRP A 34 -4.90 0.07 3.05
CA TRP A 34 -4.76 -1.32 3.43
C TRP A 34 -5.35 -2.23 2.36
N GLU A 35 -6.03 -1.63 1.39
CA GLU A 35 -6.68 -2.37 0.33
C GLU A 35 -5.65 -2.82 -0.71
N ASP A 36 -5.87 -3.99 -1.29
CA ASP A 36 -4.95 -4.54 -2.29
C ASP A 36 -5.32 -4.06 -3.68
N PRO A 37 -4.36 -3.44 -4.39
CA PRO A 37 -4.60 -2.90 -5.73
C PRO A 37 -4.38 -3.92 -6.85
N ARG A 38 -4.01 -5.15 -6.49
CA ARG A 38 -3.78 -6.18 -7.48
C ARG A 38 -5.05 -6.94 -7.83
N LEU A 39 -5.81 -7.35 -6.82
CA LEU A 39 -7.03 -8.13 -7.06
C LEU A 39 -8.20 -7.25 -7.46
N LYS A 40 -8.01 -5.94 -7.34
CA LYS A 40 -9.04 -4.98 -7.73
C LYS A 40 -8.39 -3.72 -8.26
N ILE A 41 -9.09 -3.00 -9.13
CA ILE A 41 -8.54 -1.79 -9.73
C ILE A 41 -8.44 -0.66 -8.70
N PRO A 42 -7.30 0.06 -8.69
CA PRO A 42 -7.06 1.15 -7.77
C PRO A 42 -7.77 2.44 -8.20
N ALA A 43 -7.65 3.47 -7.37
CA ALA A 43 -8.26 4.77 -7.66
C ALA A 43 -7.29 5.68 -8.39
N THR B 1 -3.91 -1.69 16.85
CA THR B 1 -4.27 -1.06 15.59
C THR B 1 -3.59 0.30 15.46
N ALA B 2 -2.42 0.33 14.87
CA ALA B 2 -1.70 1.58 14.64
C ALA B 2 -1.88 2.02 13.18
N PRO B 3 -2.48 3.19 12.97
CA PRO B 3 -2.72 3.73 11.64
C PRO B 3 -1.44 4.14 10.92
N PRO B 4 -1.38 3.97 9.60
CA PRO B 4 -0.21 4.34 8.81
C PRO B 4 -0.21 5.83 8.46
N PRO B 5 0.96 6.46 8.54
CA PRO B 5 1.13 7.88 8.23
C PRO B 5 1.18 8.14 6.72
N ALA B 6 1.19 9.41 6.35
CA ALA B 6 1.30 9.79 4.94
C ALA B 6 2.69 9.47 4.41
N TYR B 7 2.81 9.35 3.10
CA TYR B 7 4.09 8.99 2.48
C TYR B 7 5.19 10.00 2.82
N ALA B 8 4.86 11.28 2.74
CA ALA B 8 5.83 12.33 3.04
C ALA B 8 6.10 12.41 4.53
N THR B 9 5.22 11.78 5.29
CA THR B 9 5.32 11.74 6.74
C THR B 9 6.20 10.57 7.20
N LEU B 10 6.04 9.44 6.53
CA LEU B 10 6.77 8.23 6.89
C LEU B 10 8.15 8.20 6.25
N GLY B 11 8.35 9.04 5.24
CA GLY B 11 9.63 9.09 4.57
C GLY B 11 10.44 10.30 4.97
N GLY A 1 -2.14 -18.55 -9.95
CA GLY A 1 -0.89 -17.75 -10.05
C GLY A 1 -1.11 -16.30 -9.74
N SER A 2 -0.97 -15.45 -10.74
CA SER A 2 -1.13 -14.02 -10.55
C SER A 2 -2.48 -13.56 -11.07
N MET A 3 -3.18 -12.76 -10.26
CA MET A 3 -4.47 -12.21 -10.66
C MET A 3 -4.27 -11.26 -11.83
N GLU A 4 -3.10 -10.62 -11.87
CA GLU A 4 -2.72 -9.74 -12.95
C GLU A 4 -1.24 -9.95 -13.24
N GLN A 5 -0.87 -9.94 -14.52
CA GLN A 5 0.52 -10.16 -14.90
C GLN A 5 1.38 -8.94 -14.61
N GLY A 6 2.55 -9.19 -14.03
CA GLY A 6 3.46 -8.11 -13.72
C GLY A 6 3.56 -7.87 -12.23
N PHE A 7 3.48 -6.61 -11.84
CA PHE A 7 3.57 -6.24 -10.44
C PHE A 7 2.41 -5.32 -10.06
N LEU A 8 2.58 -4.58 -8.98
CA LEU A 8 1.58 -3.63 -8.53
C LEU A 8 1.51 -2.48 -9.53
N PRO A 9 0.38 -1.74 -9.56
CA PRO A 9 0.24 -0.58 -10.45
C PRO A 9 1.39 0.40 -10.28
N LYS A 10 1.80 1.03 -11.38
CA LYS A 10 2.96 1.91 -11.34
C LYS A 10 2.78 3.05 -10.35
N GLY A 11 3.50 2.95 -9.24
CA GLY A 11 3.47 3.98 -8.22
C GLY A 11 3.04 3.42 -6.88
N TRP A 12 2.65 2.16 -6.87
CA TRP A 12 2.21 1.50 -5.64
C TRP A 12 3.34 0.65 -5.07
N GLU A 13 3.68 0.90 -3.81
CA GLU A 13 4.75 0.17 -3.15
C GLU A 13 4.26 -0.40 -1.83
N VAL A 14 4.89 -1.45 -1.33
CA VAL A 14 4.47 -2.07 -0.08
C VAL A 14 5.39 -1.69 1.07
N ARG A 15 4.78 -1.36 2.21
CA ARG A 15 5.53 -0.97 3.40
C ARG A 15 5.26 -1.94 4.55
N HIS A 16 5.41 -1.46 5.78
CA HIS A 16 5.37 -2.32 6.95
C HIS A 16 4.86 -1.54 8.15
N ALA A 17 3.67 -1.87 8.62
CA ALA A 17 3.09 -1.20 9.77
C ALA A 17 3.48 -1.92 11.06
N PRO A 18 3.60 -1.18 12.18
CA PRO A 18 3.98 -1.74 13.48
C PRO A 18 3.13 -2.93 13.88
N ASN A 19 1.86 -2.94 13.47
CA ASN A 19 0.95 -4.04 13.77
C ASN A 19 1.41 -5.34 13.11
N GLY A 20 2.32 -5.24 12.16
CA GLY A 20 2.78 -6.43 11.45
C GLY A 20 2.02 -6.63 10.15
N ARG A 21 1.48 -5.54 9.64
CA ARG A 21 0.68 -5.57 8.41
C ARG A 21 1.32 -4.68 7.35
N PRO A 22 1.63 -5.26 6.18
CA PRO A 22 2.18 -4.52 5.05
C PRO A 22 1.13 -3.66 4.37
N PHE A 23 1.22 -2.34 4.55
CA PHE A 23 0.29 -1.43 3.91
C PHE A 23 0.90 -0.91 2.61
N PHE A 24 0.03 -0.50 1.69
CA PHE A 24 0.47 -0.06 0.38
C PHE A 24 0.61 1.45 0.34
N ILE A 25 1.68 1.91 -0.30
CA ILE A 25 1.94 3.32 -0.44
C ILE A 25 1.75 3.73 -1.88
N ASP A 26 0.78 4.61 -2.13
CA ASP A 26 0.60 5.13 -3.47
C ASP A 26 1.41 6.40 -3.62
N HIS A 27 2.44 6.32 -4.43
CA HIS A 27 3.34 7.44 -4.64
C HIS A 27 2.72 8.45 -5.61
N ASN A 28 1.59 8.08 -6.21
CA ASN A 28 0.94 8.92 -7.20
C ASN A 28 0.20 10.10 -6.54
N THR A 29 -0.72 9.81 -5.66
CA THR A 29 -1.50 10.87 -5.00
C THR A 29 -0.97 11.11 -3.58
N LYS A 30 0.08 10.38 -3.21
CA LYS A 30 0.73 10.53 -1.91
C LYS A 30 -0.20 10.09 -0.78
N THR A 31 -0.52 8.81 -0.75
CA THR A 31 -1.41 8.28 0.27
C THR A 31 -1.06 6.83 0.59
N THR A 32 -1.55 6.33 1.72
CA THR A 32 -1.31 4.96 2.13
C THR A 32 -2.63 4.21 2.24
N THR A 33 -2.64 2.94 1.87
CA THR A 33 -3.87 2.16 1.90
C THR A 33 -3.61 0.73 2.38
N TRP A 34 -4.67 0.05 2.82
CA TRP A 34 -4.56 -1.31 3.31
C TRP A 34 -5.11 -2.31 2.31
N GLU A 35 -5.74 -1.82 1.26
CA GLU A 35 -6.40 -2.69 0.29
C GLU A 35 -5.43 -3.10 -0.83
N ASP A 36 -5.74 -4.21 -1.49
CA ASP A 36 -4.90 -4.71 -2.57
C ASP A 36 -5.48 -4.29 -3.92
N PRO A 37 -4.65 -3.71 -4.80
CA PRO A 37 -5.09 -3.22 -6.10
C PRO A 37 -5.00 -4.26 -7.24
N ARG A 38 -4.22 -5.33 -7.06
CA ARG A 38 -4.06 -6.31 -8.13
C ARG A 38 -5.05 -7.47 -8.01
N LEU A 39 -5.61 -7.66 -6.82
CA LEU A 39 -6.65 -8.66 -6.63
C LEU A 39 -7.98 -8.13 -7.14
N LYS A 40 -7.91 -6.97 -7.78
CA LYS A 40 -9.08 -6.29 -8.31
C LYS A 40 -8.82 -5.93 -9.77
N ILE A 41 -9.86 -5.90 -10.57
CA ILE A 41 -9.71 -5.59 -11.99
C ILE A 41 -10.60 -4.39 -12.36
N PRO A 42 -9.98 -3.22 -12.58
CA PRO A 42 -10.68 -2.00 -12.95
C PRO A 42 -11.09 -2.03 -14.43
N ALA A 43 -12.35 -1.70 -14.69
CA ALA A 43 -12.87 -1.67 -16.04
C ALA A 43 -13.82 -0.48 -16.23
N THR B 1 -4.93 -1.44 17.21
CA THR B 1 -4.90 -0.95 15.83
C THR B 1 -4.18 0.40 15.76
N ALA B 2 -2.95 0.38 15.28
CA ALA B 2 -2.17 1.60 15.12
C ALA B 2 -2.17 2.04 13.67
N PRO B 3 -2.73 3.23 13.40
CA PRO B 3 -2.79 3.78 12.03
C PRO B 3 -1.41 4.09 11.46
N PRO B 4 -1.26 3.97 10.13
CA PRO B 4 0.00 4.22 9.45
C PRO B 4 0.35 5.71 9.41
N PRO B 5 1.64 6.05 9.33
CA PRO B 5 2.10 7.43 9.25
C PRO B 5 1.78 8.06 7.90
N ALA B 6 1.83 9.39 7.84
CA ALA B 6 1.57 10.10 6.60
C ALA B 6 2.80 10.05 5.69
N TYR B 7 2.57 10.23 4.40
CA TYR B 7 3.62 10.15 3.38
C TYR B 7 4.80 11.06 3.72
N ALA B 8 4.52 12.23 4.28
CA ALA B 8 5.55 13.22 4.60
C ALA B 8 6.54 12.71 5.64
N THR B 9 6.05 12.18 6.75
CA THR B 9 6.90 11.73 7.83
C THR B 9 7.62 10.41 7.52
N LEU B 10 7.07 9.62 6.60
CA LEU B 10 7.69 8.34 6.26
C LEU B 10 8.67 8.49 5.09
N GLY B 11 8.45 9.49 4.25
CA GLY B 11 9.33 9.72 3.13
C GLY B 11 8.59 9.97 1.83
N GLY A 1 -4.73 -14.44 -4.03
CA GLY A 1 -5.91 -14.13 -4.86
C GLY A 1 -5.79 -14.69 -6.26
N SER A 2 -5.18 -13.92 -7.16
CA SER A 2 -5.03 -14.35 -8.55
C SER A 2 -3.74 -13.78 -9.14
N MET A 3 -2.89 -13.22 -8.28
CA MET A 3 -1.66 -12.60 -8.75
C MET A 3 -0.50 -13.59 -8.71
N GLU A 4 -0.03 -13.94 -9.90
CA GLU A 4 1.11 -14.85 -10.04
C GLU A 4 2.35 -14.24 -9.39
N GLN A 5 2.72 -13.06 -9.86
CA GLN A 5 3.83 -12.34 -9.28
C GLN A 5 3.29 -11.18 -8.46
N GLY A 6 3.24 -11.35 -7.15
CA GLY A 6 2.72 -10.32 -6.28
C GLY A 6 3.60 -9.08 -6.20
N PHE A 7 3.44 -8.20 -7.16
CA PHE A 7 4.15 -6.92 -7.16
C PHE A 7 3.12 -5.80 -7.20
N LEU A 8 3.56 -4.57 -7.28
CA LEU A 8 2.64 -3.44 -7.30
C LEU A 8 2.71 -2.71 -8.64
N PRO A 9 1.57 -2.12 -9.06
CA PRO A 9 1.52 -1.33 -10.30
C PRO A 9 2.44 -0.12 -10.20
N LYS A 10 2.70 0.57 -11.29
CA LYS A 10 3.61 1.70 -11.25
C LYS A 10 2.92 2.89 -10.61
N GLY A 11 3.34 3.18 -9.39
CA GLY A 11 2.75 4.26 -8.64
C GLY A 11 2.46 3.81 -7.22
N TRP A 12 2.28 2.50 -7.06
CA TRP A 12 2.00 1.92 -5.76
C TRP A 12 3.27 1.30 -5.19
N GLU A 13 3.35 1.25 -3.86
CA GLU A 13 4.48 0.68 -3.17
C GLU A 13 3.99 0.01 -1.90
N VAL A 14 4.75 -0.92 -1.34
CA VAL A 14 4.33 -1.56 -0.10
C VAL A 14 5.20 -1.09 1.06
N ARG A 15 4.57 -0.83 2.19
CA ARG A 15 5.26 -0.31 3.36
C ARG A 15 5.04 -1.22 4.57
N HIS A 16 5.20 -0.66 5.77
CA HIS A 16 5.21 -1.46 6.99
C HIS A 16 4.73 -0.64 8.17
N ALA A 17 3.58 -1.02 8.71
CA ALA A 17 3.03 -0.34 9.88
C ALA A 17 3.62 -0.92 11.15
N PRO A 18 3.66 -0.13 12.25
CA PRO A 18 4.22 -0.57 13.54
C PRO A 18 3.59 -1.85 14.07
N ASN A 19 2.36 -2.12 13.65
CA ASN A 19 1.64 -3.33 14.09
C ASN A 19 2.18 -4.57 13.38
N GLY A 20 3.08 -4.39 12.43
CA GLY A 20 3.61 -5.52 11.68
C GLY A 20 2.77 -5.82 10.47
N ARG A 21 2.02 -4.82 10.02
CA ARG A 21 1.11 -4.97 8.91
C ARG A 21 1.58 -4.16 7.71
N PRO A 22 1.73 -4.81 6.54
CA PRO A 22 2.15 -4.15 5.32
C PRO A 22 1.00 -3.42 4.62
N PHE A 23 1.16 -2.13 4.41
CA PHE A 23 0.16 -1.34 3.72
C PHE A 23 0.75 -0.76 2.43
N PHE A 24 -0.09 -0.64 1.42
CA PHE A 24 0.36 -0.13 0.14
C PHE A 24 0.15 1.38 0.05
N ILE A 25 1.15 2.06 -0.50
CA ILE A 25 1.11 3.51 -0.66
C ILE A 25 1.11 3.88 -2.13
N ASP A 26 0.31 4.86 -2.48
CA ASP A 26 0.25 5.36 -3.85
C ASP A 26 0.99 6.70 -3.96
N HIS A 27 1.96 6.75 -4.85
CA HIS A 27 2.77 7.97 -5.05
C HIS A 27 1.98 9.04 -5.82
N ASN A 28 0.90 8.65 -6.49
CA ASN A 28 0.18 9.57 -7.35
C ASN A 28 -0.70 10.54 -6.56
N THR A 29 -1.62 10.00 -5.77
CA THR A 29 -2.53 10.83 -4.99
C THR A 29 -2.14 10.80 -3.50
N LYS A 30 -1.10 10.03 -3.19
CA LYS A 30 -0.57 9.93 -1.83
C LYS A 30 -1.61 9.32 -0.88
N THR A 31 -2.09 8.14 -1.24
CA THR A 31 -3.07 7.44 -0.43
C THR A 31 -2.47 6.11 0.05
N THR A 32 -3.05 5.54 1.09
CA THR A 32 -2.57 4.27 1.62
C THR A 32 -3.72 3.27 1.66
N THR A 33 -3.43 2.01 1.41
CA THR A 33 -4.48 1.01 1.41
C THR A 33 -4.03 -0.29 2.06
N TRP A 34 -4.99 -1.00 2.64
CA TRP A 34 -4.75 -2.27 3.30
C TRP A 34 -5.28 -3.41 2.44
N GLU A 35 -5.95 -3.04 1.36
CA GLU A 35 -6.58 -4.01 0.48
C GLU A 35 -5.68 -4.28 -0.72
N ASP A 36 -5.93 -5.37 -1.41
CA ASP A 36 -5.10 -5.77 -2.53
C ASP A 36 -5.36 -4.88 -3.74
N PRO A 37 -4.35 -4.08 -4.16
CA PRO A 37 -4.50 -3.17 -5.29
C PRO A 37 -4.40 -3.89 -6.63
N ARG A 38 -3.88 -5.11 -6.62
CA ARG A 38 -3.75 -5.89 -7.85
C ARG A 38 -5.11 -6.45 -8.23
N LEU A 39 -5.94 -6.71 -7.22
CA LEU A 39 -7.28 -7.21 -7.45
C LEU A 39 -8.19 -6.08 -7.93
N LYS A 40 -7.81 -4.86 -7.58
CA LYS A 40 -8.54 -3.67 -8.04
C LYS A 40 -8.44 -3.54 -9.55
N ILE A 41 -9.58 -3.47 -10.21
CA ILE A 41 -9.61 -3.33 -11.66
C ILE A 41 -9.88 -1.90 -12.08
N PRO A 42 -8.83 -1.18 -12.54
CA PRO A 42 -8.94 0.19 -12.98
C PRO A 42 -9.33 0.27 -14.45
N ALA A 43 -10.48 0.87 -14.73
CA ALA A 43 -10.95 1.02 -16.10
C ALA A 43 -11.33 2.46 -16.39
N THR B 1 -4.84 -2.15 15.55
CA THR B 1 -4.78 -1.65 14.18
C THR B 1 -4.63 -0.13 14.14
N ALA B 2 -3.38 0.33 14.11
CA ALA B 2 -3.11 1.76 14.07
C ALA B 2 -3.05 2.25 12.63
N PRO B 3 -3.51 3.48 12.37
CA PRO B 3 -3.48 4.08 11.03
C PRO B 3 -2.07 4.15 10.47
N PRO B 4 -1.92 3.92 9.16
CA PRO B 4 -0.61 3.95 8.49
C PRO B 4 0.05 5.33 8.57
N PRO B 5 1.36 5.36 8.85
CA PRO B 5 2.12 6.60 8.95
C PRO B 5 2.24 7.33 7.61
N ALA B 6 2.41 8.64 7.68
CA ALA B 6 2.51 9.47 6.48
C ALA B 6 3.83 9.22 5.75
N TYR B 7 3.80 9.38 4.43
CA TYR B 7 4.96 9.17 3.58
C TYR B 7 6.12 10.08 4.02
N ALA B 8 5.78 11.30 4.37
CA ALA B 8 6.77 12.30 4.76
C ALA B 8 7.54 11.91 6.03
N THR B 9 6.91 11.16 6.92
CA THR B 9 7.56 10.79 8.17
C THR B 9 8.24 9.42 8.09
N LEU B 10 7.86 8.61 7.11
CA LEU B 10 8.47 7.30 6.95
C LEU B 10 9.66 7.37 6.00
N GLY B 11 9.65 8.35 5.11
CA GLY B 11 10.73 8.53 4.16
C GLY B 11 10.24 8.88 2.78
N GLY A 1 -7.03 -18.01 -3.65
CA GLY A 1 -6.71 -17.38 -2.35
C GLY A 1 -6.65 -15.88 -2.47
N SER A 2 -6.12 -15.21 -1.45
CA SER A 2 -5.99 -13.77 -1.50
C SER A 2 -4.69 -13.39 -2.20
N MET A 3 -4.62 -12.19 -2.72
CA MET A 3 -3.44 -11.75 -3.44
C MET A 3 -2.49 -10.98 -2.53
N GLU A 4 -1.50 -11.68 -2.01
CA GLU A 4 -0.50 -11.07 -1.12
C GLU A 4 0.87 -11.17 -1.78
N GLN A 5 0.87 -11.70 -3.01
CA GLN A 5 2.10 -11.95 -3.76
C GLN A 5 2.85 -10.65 -4.05
N GLY A 6 2.18 -9.74 -4.72
CA GLY A 6 2.82 -8.48 -5.09
C GLY A 6 2.66 -8.18 -6.56
N PHE A 7 3.65 -7.47 -7.11
CA PHE A 7 3.66 -7.06 -8.51
C PHE A 7 2.70 -5.89 -8.68
N LEU A 8 2.90 -4.90 -7.80
CA LEU A 8 2.05 -3.72 -7.75
C LEU A 8 2.24 -2.86 -8.99
N PRO A 9 1.19 -2.13 -9.40
CA PRO A 9 1.23 -1.24 -10.56
C PRO A 9 2.16 -0.04 -10.34
N LYS A 10 2.37 0.71 -11.41
CA LYS A 10 3.26 1.87 -11.39
C LYS A 10 2.97 2.81 -10.22
N GLY A 11 4.01 3.09 -9.45
CA GLY A 11 3.91 4.02 -8.34
C GLY A 11 3.34 3.42 -7.07
N TRP A 12 3.09 2.13 -7.05
CA TRP A 12 2.54 1.51 -5.85
C TRP A 12 3.62 0.79 -5.07
N GLU A 13 3.76 1.14 -3.81
CA GLU A 13 4.76 0.55 -2.94
C GLU A 13 4.04 -0.24 -1.85
N VAL A 14 4.75 -1.14 -1.18
CA VAL A 14 4.19 -1.86 -0.06
C VAL A 14 5.16 -1.78 1.11
N ARG A 15 4.66 -1.43 2.28
CA ARG A 15 5.50 -1.23 3.44
C ARG A 15 5.01 -2.07 4.61
N HIS A 16 5.94 -2.62 5.37
CA HIS A 16 5.61 -3.42 6.53
C HIS A 16 5.36 -2.47 7.71
N ALA A 17 4.12 -2.44 8.19
CA ALA A 17 3.78 -1.55 9.30
C ALA A 17 4.33 -2.10 10.60
N PRO A 18 4.61 -1.23 11.58
CA PRO A 18 5.11 -1.64 12.89
C PRO A 18 4.17 -2.60 13.60
N ASN A 19 2.91 -2.61 13.18
CA ASN A 19 1.91 -3.50 13.76
C ASN A 19 2.04 -4.91 13.18
N GLY A 20 2.82 -5.04 12.11
CA GLY A 20 3.04 -6.33 11.51
C GLY A 20 2.36 -6.49 10.16
N ARG A 21 1.28 -5.75 9.96
CA ARG A 21 0.52 -5.80 8.73
C ARG A 21 1.14 -4.90 7.65
N PRO A 22 1.46 -5.46 6.48
CA PRO A 22 1.95 -4.67 5.35
C PRO A 22 0.84 -3.81 4.74
N PHE A 23 1.16 -2.56 4.45
CA PHE A 23 0.20 -1.67 3.83
C PHE A 23 0.79 -1.09 2.54
N PHE A 24 -0.07 -0.73 1.62
CA PHE A 24 0.36 -0.22 0.32
C PHE A 24 0.41 1.30 0.32
N ILE A 25 1.44 1.83 -0.33
CA ILE A 25 1.63 3.26 -0.42
C ILE A 25 1.70 3.69 -1.88
N ASP A 26 0.73 4.48 -2.32
CA ASP A 26 0.72 4.95 -3.69
C ASP A 26 1.49 6.25 -3.83
N HIS A 27 2.57 6.21 -4.59
CA HIS A 27 3.42 7.36 -4.83
C HIS A 27 2.76 8.39 -5.76
N ASN A 28 1.69 8.00 -6.43
CA ASN A 28 1.04 8.88 -7.39
C ASN A 28 0.20 9.96 -6.69
N THR A 29 -0.75 9.54 -5.88
CA THR A 29 -1.62 10.48 -5.18
C THR A 29 -1.19 10.67 -3.73
N LYS A 30 -0.15 9.93 -3.32
CA LYS A 30 0.38 10.01 -1.96
C LYS A 30 -0.62 9.52 -0.93
N THR A 31 -0.93 8.23 -0.97
CA THR A 31 -1.88 7.66 -0.02
C THR A 31 -1.38 6.31 0.51
N THR A 32 -1.78 5.99 1.73
CA THR A 32 -1.44 4.72 2.36
C THR A 32 -2.71 3.91 2.62
N THR A 33 -2.73 2.66 2.21
CA THR A 33 -3.94 1.85 2.36
C THR A 33 -3.62 0.41 2.76
N TRP A 34 -4.63 -0.27 3.29
CA TRP A 34 -4.49 -1.65 3.75
C TRP A 34 -5.01 -2.64 2.71
N GLU A 35 -5.61 -2.10 1.66
CA GLU A 35 -6.25 -2.93 0.65
C GLU A 35 -5.41 -3.03 -0.61
N ASP A 36 -5.18 -4.25 -1.08
CA ASP A 36 -4.47 -4.46 -2.34
C ASP A 36 -5.28 -3.96 -3.55
N PRO A 37 -4.61 -3.20 -4.43
CA PRO A 37 -5.21 -2.65 -5.63
C PRO A 37 -4.95 -3.50 -6.89
N ARG A 38 -4.56 -4.74 -6.69
CA ARG A 38 -4.30 -5.65 -7.80
C ARG A 38 -5.55 -6.47 -8.11
N LEU A 39 -6.25 -6.89 -7.06
CA LEU A 39 -7.47 -7.69 -7.21
C LEU A 39 -8.70 -6.81 -7.46
N LYS A 40 -8.48 -5.51 -7.47
CA LYS A 40 -9.54 -4.55 -7.71
C LYS A 40 -8.99 -3.33 -8.40
N ILE A 41 -9.86 -2.44 -8.86
CA ILE A 41 -9.43 -1.20 -9.49
C ILE A 41 -9.23 -0.14 -8.42
N PRO A 42 -7.99 0.35 -8.28
CA PRO A 42 -7.63 1.34 -7.25
C PRO A 42 -8.54 2.55 -7.21
N ALA A 43 -9.28 2.71 -6.12
CA ALA A 43 -10.17 3.84 -5.95
C ALA A 43 -9.45 5.04 -5.34
N THR B 1 -4.27 -2.43 15.88
CA THR B 1 -4.22 -2.00 14.50
C THR B 1 -4.40 -0.49 14.39
N ALA B 2 -3.29 0.21 14.26
CA ALA B 2 -3.32 1.67 14.13
C ALA B 2 -3.07 2.07 12.69
N PRO B 3 -3.81 3.09 12.20
CA PRO B 3 -3.64 3.60 10.84
C PRO B 3 -2.23 4.16 10.62
N PRO B 4 -1.63 3.88 9.46
CA PRO B 4 -0.28 4.32 9.15
C PRO B 4 -0.21 5.84 8.93
N PRO B 5 0.91 6.46 9.34
CA PRO B 5 1.11 7.90 9.18
C PRO B 5 1.12 8.33 7.72
N ALA B 6 1.09 9.64 7.49
CA ALA B 6 1.08 10.18 6.14
C ALA B 6 2.41 9.98 5.45
N TYR B 7 2.38 9.86 4.12
CA TYR B 7 3.58 9.65 3.33
C TYR B 7 4.58 10.79 3.51
N ALA B 8 4.06 11.95 3.90
CA ALA B 8 4.87 13.15 4.07
C ALA B 8 5.83 13.04 5.27
N THR B 9 5.54 12.11 6.18
CA THR B 9 6.39 11.91 7.34
C THR B 9 7.04 10.53 7.29
N LEU B 10 6.72 9.78 6.24
CA LEU B 10 7.26 8.44 6.06
C LEU B 10 8.62 8.50 5.36
N GLY B 11 9.01 9.69 4.93
CA GLY B 11 10.29 9.86 4.26
C GLY B 11 11.28 10.61 5.11
N GLY A 1 -8.67 -15.72 -3.52
CA GLY A 1 -9.26 -14.47 -4.08
C GLY A 1 -8.22 -13.38 -4.26
N SER A 2 -7.05 -13.76 -4.74
CA SER A 2 -5.97 -12.81 -4.95
C SER A 2 -5.29 -13.07 -6.30
N MET A 3 -4.30 -12.25 -6.63
CA MET A 3 -3.62 -12.38 -7.91
C MET A 3 -2.24 -13.00 -7.73
N GLU A 4 -1.81 -13.73 -8.75
CA GLU A 4 -0.52 -14.42 -8.75
C GLU A 4 0.60 -13.48 -9.23
N GLN A 5 0.56 -12.24 -8.77
CA GLN A 5 1.57 -11.26 -9.14
C GLN A 5 2.05 -10.56 -7.87
N GLY A 6 3.27 -10.87 -7.46
CA GLY A 6 3.79 -10.31 -6.23
C GLY A 6 4.42 -8.94 -6.40
N PHE A 7 4.10 -8.27 -7.50
CA PHE A 7 4.63 -6.94 -7.75
C PHE A 7 3.50 -5.92 -7.76
N LEU A 8 3.78 -4.73 -7.25
CA LEU A 8 2.79 -3.67 -7.18
C LEU A 8 2.75 -2.87 -8.47
N PRO A 9 1.54 -2.48 -8.90
CA PRO A 9 1.33 -1.70 -10.14
C PRO A 9 1.98 -0.31 -10.08
N LYS A 10 1.96 0.37 -11.22
CA LYS A 10 2.54 1.70 -11.38
C LYS A 10 2.23 2.64 -10.21
N GLY A 11 3.27 3.11 -9.55
CA GLY A 11 3.11 4.08 -8.49
C GLY A 11 2.78 3.50 -7.13
N TRP A 12 2.55 2.20 -7.06
CA TRP A 12 2.19 1.58 -5.79
C TRP A 12 3.41 1.00 -5.10
N GLU A 13 3.53 1.25 -3.80
CA GLU A 13 4.63 0.77 -3.00
C GLU A 13 4.05 0.05 -1.77
N VAL A 14 4.85 -0.72 -1.05
CA VAL A 14 4.35 -1.37 0.15
C VAL A 14 5.28 -1.08 1.33
N ARG A 15 4.68 -0.74 2.46
CA ARG A 15 5.39 -0.37 3.67
C ARG A 15 5.18 -1.43 4.76
N HIS A 16 5.29 -1.03 6.02
CA HIS A 16 5.33 -1.98 7.13
C HIS A 16 4.79 -1.33 8.40
N ALA A 17 3.67 -1.83 8.88
CA ALA A 17 3.06 -1.33 10.10
C ALA A 17 3.70 -1.98 11.33
N PRO A 18 3.59 -1.34 12.51
CA PRO A 18 4.16 -1.86 13.76
C PRO A 18 3.60 -3.21 14.18
N ASN A 19 2.48 -3.59 13.57
CA ASN A 19 1.85 -4.87 13.88
C ASN A 19 2.38 -5.96 12.96
N GLY A 20 3.31 -5.59 12.10
CA GLY A 20 3.88 -6.54 11.15
C GLY A 20 3.01 -6.69 9.92
N ARG A 21 2.12 -5.74 9.74
CA ARG A 21 1.20 -5.75 8.61
C ARG A 21 1.67 -4.80 7.52
N PRO A 22 1.70 -5.28 6.28
CA PRO A 22 2.11 -4.45 5.14
C PRO A 22 0.95 -3.61 4.61
N PHE A 23 1.20 -2.32 4.43
CA PHE A 23 0.21 -1.45 3.84
C PHE A 23 0.79 -0.81 2.59
N PHE A 24 -0.08 -0.48 1.63
CA PHE A 24 0.36 0.01 0.34
C PHE A 24 0.29 1.53 0.27
N ILE A 25 1.29 2.12 -0.37
CA ILE A 25 1.37 3.57 -0.52
C ILE A 25 1.37 3.92 -2.00
N ASP A 26 0.42 4.74 -2.42
CA ASP A 26 0.34 5.15 -3.81
C ASP A 26 1.05 6.49 -4.03
N HIS A 27 2.03 6.47 -4.92
CA HIS A 27 2.81 7.66 -5.25
C HIS A 27 2.04 8.59 -6.19
N ASN A 28 0.99 8.08 -6.82
CA ASN A 28 0.25 8.85 -7.81
C ASN A 28 -0.60 9.95 -7.17
N THR A 29 -1.49 9.58 -6.28
CA THR A 29 -2.39 10.52 -5.63
C THR A 29 -1.95 10.85 -4.21
N LYS A 30 -0.75 10.40 -3.86
CA LYS A 30 -0.15 10.67 -2.54
C LYS A 30 -1.03 10.10 -1.42
N THR A 31 -1.33 8.82 -1.46
CA THR A 31 -2.19 8.23 -0.43
C THR A 31 -1.65 6.89 0.05
N THR A 32 -2.14 6.43 1.18
CA THR A 32 -1.76 5.14 1.73
C THR A 32 -3.02 4.34 2.06
N THR A 33 -3.00 3.04 1.81
CA THR A 33 -4.17 2.21 2.06
C THR A 33 -3.78 0.76 2.38
N TRP A 34 -4.75 0.02 2.88
CA TRP A 34 -4.56 -1.39 3.23
C TRP A 34 -5.12 -2.26 2.11
N GLU A 35 -5.77 -1.62 1.14
CA GLU A 35 -6.40 -2.32 0.05
C GLU A 35 -5.37 -2.78 -0.97
N ASP A 36 -5.68 -3.88 -1.63
CA ASP A 36 -4.77 -4.48 -2.59
C ASP A 36 -5.18 -4.08 -4.00
N PRO A 37 -4.35 -3.28 -4.68
CA PRO A 37 -4.64 -2.79 -6.03
C PRO A 37 -4.48 -3.84 -7.12
N ARG A 38 -3.97 -5.01 -6.77
CA ARG A 38 -3.79 -6.08 -7.74
C ARG A 38 -5.07 -6.88 -7.95
N LEU A 39 -5.77 -7.21 -6.87
CA LEU A 39 -6.95 -8.06 -6.97
C LEU A 39 -8.23 -7.25 -7.19
N LYS A 40 -8.15 -5.94 -7.06
CA LYS A 40 -9.29 -5.07 -7.27
C LYS A 40 -8.85 -3.75 -7.89
N ILE A 41 -9.79 -2.99 -8.42
CA ILE A 41 -9.48 -1.70 -9.01
C ILE A 41 -9.65 -0.59 -7.97
N PRO A 42 -8.60 0.22 -7.75
CA PRO A 42 -8.63 1.31 -6.78
C PRO A 42 -9.71 2.35 -7.10
N ALA A 43 -9.90 3.28 -6.17
CA ALA A 43 -10.90 4.32 -6.32
C ALA A 43 -10.34 5.67 -5.91
N THR B 1 -3.52 -3.99 13.61
CA THR B 1 -3.73 -3.05 12.53
C THR B 1 -3.89 -1.63 13.07
N ALA B 2 -2.87 -0.81 12.87
CA ALA B 2 -2.89 0.58 13.28
C ALA B 2 -2.74 1.49 12.07
N PRO B 3 -3.41 2.66 12.07
CA PRO B 3 -3.34 3.60 10.95
C PRO B 3 -1.89 3.99 10.61
N PRO B 4 -1.55 3.96 9.31
CA PRO B 4 -0.20 4.25 8.85
C PRO B 4 0.13 5.75 8.88
N PRO B 5 1.42 6.09 9.02
CA PRO B 5 1.87 7.48 9.07
C PRO B 5 1.79 8.16 7.70
N ALA B 6 2.00 9.46 7.69
CA ALA B 6 1.99 10.22 6.44
C ALA B 6 3.17 9.85 5.57
N TYR B 7 3.04 10.07 4.27
CA TYR B 7 4.08 9.71 3.31
C TYR B 7 5.40 10.40 3.62
N ALA B 8 5.35 11.70 3.87
CA ALA B 8 6.56 12.46 4.17
C ALA B 8 7.07 12.12 5.56
N THR B 9 6.18 11.56 6.37
CA THR B 9 6.49 11.18 7.74
C THR B 9 7.22 9.83 7.78
N LEU B 10 6.77 8.90 6.96
CA LEU B 10 7.36 7.58 6.93
C LEU B 10 8.65 7.55 6.12
N GLY B 11 8.80 8.53 5.26
CA GLY B 11 10.01 8.62 4.43
C GLY B 11 11.08 9.46 5.08
N GLY A 1 -9.68 -14.66 -5.51
CA GLY A 1 -9.06 -15.30 -6.70
C GLY A 1 -7.58 -15.01 -6.79
N SER A 2 -6.97 -15.38 -7.89
CA SER A 2 -5.54 -15.17 -8.08
C SER A 2 -5.28 -14.18 -9.21
N MET A 3 -4.19 -13.45 -9.09
CA MET A 3 -3.79 -12.50 -10.11
C MET A 3 -2.35 -12.76 -10.52
N GLU A 4 -2.18 -13.43 -11.65
CA GLU A 4 -0.86 -13.85 -12.12
C GLU A 4 -0.08 -12.73 -12.79
N GLN A 5 -0.29 -11.50 -12.33
CA GLN A 5 0.44 -10.35 -12.84
C GLN A 5 1.91 -10.51 -12.48
N GLY A 6 2.19 -10.48 -11.18
CA GLY A 6 3.55 -10.70 -10.71
C GLY A 6 4.02 -9.65 -9.73
N PHE A 7 3.88 -8.39 -10.09
CA PHE A 7 4.36 -7.30 -9.25
C PHE A 7 3.25 -6.29 -8.97
N LEU A 8 3.61 -5.18 -8.33
CA LEU A 8 2.66 -4.16 -7.98
C LEU A 8 2.59 -3.10 -9.08
N PRO A 9 1.42 -2.44 -9.23
CA PRO A 9 1.25 -1.37 -10.21
C PRO A 9 2.25 -0.24 -9.97
N LYS A 10 2.54 0.52 -11.01
CA LYS A 10 3.54 1.57 -10.90
C LYS A 10 2.98 2.77 -10.16
N GLY A 11 3.46 2.96 -8.93
CA GLY A 11 3.01 4.06 -8.12
C GLY A 11 2.62 3.59 -6.75
N TRP A 12 2.33 2.29 -6.63
CA TRP A 12 1.95 1.68 -5.36
C TRP A 12 3.14 0.97 -4.76
N GLU A 13 3.55 1.39 -3.57
CA GLU A 13 4.68 0.78 -2.89
C GLU A 13 4.22 0.21 -1.56
N VAL A 14 4.85 -0.85 -1.07
CA VAL A 14 4.41 -1.46 0.18
C VAL A 14 5.33 -1.11 1.35
N ARG A 15 4.72 -0.78 2.47
CA ARG A 15 5.41 -0.38 3.69
C ARG A 15 5.11 -1.37 4.82
N HIS A 16 5.24 -0.94 6.07
CA HIS A 16 5.19 -1.85 7.21
C HIS A 16 4.69 -1.14 8.46
N ALA A 17 3.46 -1.43 8.86
CA ALA A 17 2.90 -0.81 10.06
C ALA A 17 3.47 -1.47 11.31
N PRO A 18 3.53 -0.73 12.42
CA PRO A 18 4.07 -1.26 13.70
C PRO A 18 3.37 -2.55 14.15
N ASN A 19 2.13 -2.73 13.72
CA ASN A 19 1.36 -3.93 14.05
C ASN A 19 1.87 -5.16 13.30
N GLY A 20 2.84 -4.97 12.41
CA GLY A 20 3.38 -6.07 11.65
C GLY A 20 2.54 -6.35 10.41
N ARG A 21 1.81 -5.34 9.98
CA ARG A 21 0.93 -5.45 8.84
C ARG A 21 1.40 -4.49 7.74
N PRO A 22 1.69 -5.02 6.54
CA PRO A 22 2.12 -4.22 5.40
C PRO A 22 0.96 -3.46 4.77
N PHE A 23 1.22 -2.23 4.34
CA PHE A 23 0.20 -1.44 3.66
C PHE A 23 0.80 -0.80 2.40
N PHE A 24 -0.05 -0.49 1.43
CA PHE A 24 0.38 0.05 0.17
C PHE A 24 0.20 1.57 0.14
N ILE A 25 1.15 2.24 -0.52
CA ILE A 25 1.13 3.70 -0.63
C ILE A 25 1.09 4.10 -2.09
N ASP A 26 0.12 4.94 -2.41
CA ASP A 26 -0.03 5.46 -3.75
C ASP A 26 0.74 6.77 -3.87
N HIS A 27 1.79 6.75 -4.66
CA HIS A 27 2.65 7.91 -4.85
C HIS A 27 2.02 8.90 -5.85
N ASN A 28 0.91 8.49 -6.45
CA ASN A 28 0.24 9.31 -7.46
C ASN A 28 -0.54 10.45 -6.81
N THR A 29 -1.47 10.11 -5.91
CA THR A 29 -2.28 11.13 -5.25
C THR A 29 -1.90 11.27 -3.78
N LYS A 30 -0.85 10.55 -3.37
CA LYS A 30 -0.31 10.64 -2.00
C LYS A 30 -1.29 10.10 -0.96
N THR A 31 -1.55 8.80 -1.01
CA THR A 31 -2.46 8.19 -0.05
C THR A 31 -1.97 6.80 0.37
N THR A 32 -2.38 6.37 1.56
CA THR A 32 -2.01 5.07 2.10
C THR A 32 -3.24 4.17 2.18
N THR A 33 -3.08 2.89 1.87
CA THR A 33 -4.20 1.96 1.93
C THR A 33 -3.75 0.55 2.30
N TRP A 34 -4.71 -0.27 2.70
CA TRP A 34 -4.45 -1.64 3.11
C TRP A 34 -4.90 -2.63 2.04
N GLU A 35 -5.53 -2.10 0.99
CA GLU A 35 -6.10 -2.93 -0.06
C GLU A 35 -5.06 -3.26 -1.12
N ASP A 36 -5.27 -4.37 -1.83
CA ASP A 36 -4.35 -4.81 -2.86
C ASP A 36 -4.88 -4.38 -4.22
N PRO A 37 -4.13 -3.51 -4.91
CA PRO A 37 -4.56 -2.96 -6.21
C PRO A 37 -4.57 -3.99 -7.34
N ARG A 38 -3.94 -5.14 -7.15
CA ARG A 38 -3.87 -6.16 -8.19
C ARG A 38 -5.16 -7.00 -8.26
N LEU A 39 -5.72 -7.32 -7.10
CA LEU A 39 -6.94 -8.13 -7.07
C LEU A 39 -8.17 -7.30 -7.39
N LYS A 40 -7.96 -6.00 -7.56
CA LYS A 40 -9.02 -5.10 -7.96
C LYS A 40 -8.86 -4.77 -9.43
N ILE A 41 -9.97 -4.74 -10.16
CA ILE A 41 -9.90 -4.44 -11.58
C ILE A 41 -10.63 -3.13 -11.87
N PRO A 42 -9.88 -2.05 -12.08
CA PRO A 42 -10.45 -0.75 -12.44
C PRO A 42 -10.94 -0.76 -13.87
N ALA A 43 -12.24 -0.53 -14.06
CA ALA A 43 -12.83 -0.56 -15.38
C ALA A 43 -14.12 0.24 -15.39
N THR B 1 -2.96 -0.88 16.66
CA THR B 1 -2.63 0.13 17.65
C THR B 1 -2.08 1.38 16.98
N ALA B 2 -1.29 1.20 15.94
CA ALA B 2 -0.69 2.32 15.24
C ALA B 2 -1.05 2.28 13.76
N PRO B 3 -1.84 3.26 13.29
CA PRO B 3 -2.24 3.37 11.89
C PRO B 3 -1.05 3.70 10.99
N PRO B 4 -1.22 3.62 9.66
CA PRO B 4 -0.15 3.91 8.71
C PRO B 4 0.26 5.39 8.77
N PRO B 5 1.58 5.64 8.88
CA PRO B 5 2.14 7.00 8.99
C PRO B 5 1.88 7.86 7.75
N ALA B 6 2.17 9.16 7.88
CA ALA B 6 2.00 10.10 6.79
C ALA B 6 3.10 9.91 5.74
N TYR B 7 2.81 10.36 4.52
CA TYR B 7 3.73 10.19 3.40
C TYR B 7 5.11 10.79 3.68
N ALA B 8 5.13 11.96 4.28
CA ALA B 8 6.37 12.68 4.55
C ALA B 8 7.26 11.98 5.58
N THR B 9 6.67 11.16 6.44
CA THR B 9 7.45 10.50 7.49
C THR B 9 7.73 9.03 7.16
N LEU B 10 6.99 8.45 6.21
CA LEU B 10 7.20 7.04 5.86
C LEU B 10 8.21 6.90 4.73
N GLY B 11 8.64 8.04 4.18
CA GLY B 11 9.61 8.02 3.09
C GLY B 11 11.01 7.68 3.57
N GLY A 1 -8.69 -14.33 -2.42
CA GLY A 1 -8.42 -13.32 -1.36
C GLY A 1 -6.94 -13.13 -1.13
N SER A 2 -6.21 -14.23 -0.96
CA SER A 2 -4.78 -14.16 -0.75
C SER A 2 -4.06 -13.93 -2.07
N MET A 3 -3.75 -12.66 -2.34
CA MET A 3 -3.03 -12.29 -3.56
C MET A 3 -1.62 -12.86 -3.52
N GLU A 4 -0.99 -12.80 -2.36
CA GLU A 4 0.32 -13.37 -2.13
C GLU A 4 1.34 -12.91 -3.19
N GLN A 5 1.64 -11.62 -3.19
CA GLN A 5 2.61 -11.07 -4.13
C GLN A 5 3.10 -9.71 -3.63
N GLY A 6 4.31 -9.35 -4.01
CA GLY A 6 4.86 -8.07 -3.60
C GLY A 6 5.10 -7.14 -4.77
N PHE A 7 4.26 -7.23 -5.79
CA PHE A 7 4.41 -6.38 -6.96
C PHE A 7 3.17 -5.50 -7.11
N LEU A 8 3.37 -4.21 -6.98
CA LEU A 8 2.28 -3.24 -7.04
C LEU A 8 2.32 -2.44 -8.34
N PRO A 9 1.20 -1.77 -8.69
CA PRO A 9 1.13 -0.92 -9.89
C PRO A 9 2.15 0.22 -9.84
N LYS A 10 2.38 0.85 -10.99
CA LYS A 10 3.37 1.92 -11.08
C LYS A 10 3.06 3.07 -10.11
N GLY A 11 3.87 3.16 -9.07
CA GLY A 11 3.75 4.26 -8.12
C GLY A 11 3.25 3.78 -6.78
N TRP A 12 2.93 2.50 -6.69
CA TRP A 12 2.46 1.92 -5.44
C TRP A 12 3.58 1.15 -4.77
N GLU A 13 3.88 1.51 -3.53
CA GLU A 13 4.95 0.87 -2.78
C GLU A 13 4.37 0.12 -1.59
N VAL A 14 5.07 -0.89 -1.09
CA VAL A 14 4.59 -1.65 0.05
C VAL A 14 5.40 -1.32 1.30
N ARG A 15 4.71 -1.08 2.39
CA ARG A 15 5.32 -0.68 3.64
C ARG A 15 5.14 -1.74 4.72
N HIS A 16 5.19 -1.32 5.97
CA HIS A 16 5.19 -2.23 7.11
C HIS A 16 4.58 -1.54 8.33
N ALA A 17 3.38 -1.96 8.70
CA ALA A 17 2.69 -1.40 9.86
C ALA A 17 3.10 -2.13 11.13
N PRO A 18 3.08 -1.43 12.28
CA PRO A 18 3.47 -1.99 13.58
C PRO A 18 2.76 -3.30 13.92
N ASN A 19 1.52 -3.45 13.46
CA ASN A 19 0.74 -4.66 13.71
C ASN A 19 1.31 -5.86 12.96
N GLY A 20 2.20 -5.61 12.00
CA GLY A 20 2.78 -6.70 11.25
C GLY A 20 2.11 -6.90 9.90
N ARG A 21 1.47 -5.84 9.42
CA ARG A 21 0.80 -5.88 8.12
C ARG A 21 1.47 -4.96 7.13
N PRO A 22 1.72 -5.43 5.91
CA PRO A 22 2.33 -4.63 4.86
C PRO A 22 1.29 -3.80 4.10
N PHE A 23 1.16 -2.53 4.46
CA PHE A 23 0.21 -1.65 3.79
C PHE A 23 0.88 -0.99 2.59
N PHE A 24 0.12 -0.81 1.52
CA PHE A 24 0.62 -0.23 0.30
C PHE A 24 0.44 1.29 0.30
N ILE A 25 1.32 1.98 -0.41
CA ILE A 25 1.32 3.43 -0.47
C ILE A 25 1.30 3.91 -1.93
N ASP A 26 0.31 4.71 -2.26
CA ASP A 26 0.18 5.27 -3.60
C ASP A 26 0.90 6.61 -3.67
N HIS A 27 1.94 6.67 -4.51
CA HIS A 27 2.71 7.89 -4.67
C HIS A 27 1.97 8.93 -5.52
N ASN A 28 0.92 8.52 -6.20
CA ASN A 28 0.18 9.41 -7.08
C ASN A 28 -0.58 10.48 -6.29
N THR A 29 -1.43 10.07 -5.38
CA THR A 29 -2.20 11.01 -4.58
C THR A 29 -1.75 10.97 -3.12
N LYS A 30 -0.68 10.23 -2.87
CA LYS A 30 -0.10 10.07 -1.53
C LYS A 30 -1.13 9.52 -0.54
N THR A 31 -1.57 8.31 -0.79
CA THR A 31 -2.53 7.66 0.09
C THR A 31 -2.04 6.26 0.46
N THR A 32 -2.42 5.80 1.64
CA THR A 32 -2.01 4.49 2.11
C THR A 32 -3.22 3.54 2.14
N THR A 33 -3.01 2.30 1.75
CA THR A 33 -4.10 1.35 1.72
C THR A 33 -3.69 -0.01 2.30
N TRP A 34 -4.62 -0.64 2.99
CA TRP A 34 -4.41 -1.96 3.57
C TRP A 34 -4.99 -3.01 2.63
N GLU A 35 -5.69 -2.51 1.62
CA GLU A 35 -6.35 -3.33 0.62
C GLU A 35 -5.39 -3.59 -0.55
N ASP A 36 -5.59 -4.69 -1.27
CA ASP A 36 -4.72 -5.04 -2.39
C ASP A 36 -5.25 -4.48 -3.70
N PRO A 37 -4.42 -3.69 -4.41
CA PRO A 37 -4.79 -3.08 -5.68
C PRO A 37 -4.60 -4.01 -6.88
N ARG A 38 -4.00 -5.17 -6.67
CA ARG A 38 -3.81 -6.12 -7.77
C ARG A 38 -5.08 -6.89 -8.11
N LEU A 39 -5.73 -7.44 -7.10
CA LEU A 39 -6.93 -8.27 -7.33
C LEU A 39 -8.17 -7.42 -7.61
N LYS A 40 -8.08 -6.13 -7.32
CA LYS A 40 -9.18 -5.21 -7.59
C LYS A 40 -8.61 -3.85 -7.92
N ILE A 41 -9.24 -3.14 -8.84
CA ILE A 41 -8.73 -1.86 -9.29
C ILE A 41 -9.84 -0.82 -9.25
N PRO A 42 -9.70 0.20 -8.41
CA PRO A 42 -10.69 1.28 -8.30
C PRO A 42 -10.73 2.13 -9.55
N ALA A 43 -11.93 2.50 -9.98
CA ALA A 43 -12.10 3.29 -11.19
C ALA A 43 -13.16 4.36 -10.98
N THR B 1 -4.70 -3.12 13.32
CA THR B 1 -4.89 -2.03 12.37
C THR B 1 -4.60 -0.68 13.04
N ALA B 2 -3.44 -0.12 12.72
CA ALA B 2 -3.06 1.18 13.22
C ALA B 2 -2.84 2.13 12.05
N PRO B 3 -3.28 3.39 12.18
CA PRO B 3 -3.13 4.39 11.12
C PRO B 3 -1.66 4.57 10.73
N PRO B 4 -1.38 4.57 9.42
CA PRO B 4 -0.04 4.75 8.91
C PRO B 4 0.32 6.23 8.71
N PRO B 5 1.61 6.55 8.79
CA PRO B 5 2.11 7.91 8.64
C PRO B 5 2.03 8.40 7.18
N ALA B 6 2.21 9.69 6.99
CA ALA B 6 2.17 10.29 5.67
C ALA B 6 3.44 9.99 4.88
N TYR B 7 3.42 10.34 3.60
CA TYR B 7 4.53 10.06 2.70
C TYR B 7 5.81 10.78 3.12
N ALA B 8 5.69 12.07 3.41
CA ALA B 8 6.84 12.86 3.80
C ALA B 8 7.30 12.49 5.19
N THR B 9 6.44 11.81 5.91
CA THR B 9 6.73 11.34 7.25
C THR B 9 7.60 10.09 7.18
N LEU B 10 7.37 9.27 6.15
CA LEU B 10 8.09 8.02 5.99
C LEU B 10 9.27 8.17 5.03
N GLY B 11 9.26 9.23 4.25
CA GLY B 11 10.35 9.48 3.31
C GLY B 11 9.88 10.18 2.04
N GLY A 1 2.43 -16.51 -13.02
CA GLY A 1 2.68 -15.15 -12.52
C GLY A 1 1.45 -14.54 -11.88
N SER A 2 1.32 -14.71 -10.58
CA SER A 2 0.17 -14.21 -9.85
C SER A 2 0.42 -12.78 -9.38
N MET A 3 -0.67 -12.08 -9.10
CA MET A 3 -0.59 -10.70 -8.63
C MET A 3 -0.27 -10.70 -7.13
N GLU A 4 1.00 -10.94 -6.81
CA GLU A 4 1.45 -11.02 -5.43
C GLU A 4 1.90 -9.66 -4.90
N GLN A 5 2.49 -9.68 -3.70
CA GLN A 5 2.95 -8.45 -3.06
C GLN A 5 4.36 -8.11 -3.50
N GLY A 6 4.49 -7.86 -4.80
CA GLY A 6 5.79 -7.54 -5.37
C GLY A 6 5.67 -7.02 -6.78
N PHE A 7 4.51 -7.20 -7.38
CA PHE A 7 4.26 -6.75 -8.74
C PHE A 7 3.22 -5.64 -8.73
N LEU A 8 3.53 -4.59 -7.98
CA LEU A 8 2.63 -3.45 -7.83
C LEU A 8 2.56 -2.62 -9.10
N PRO A 9 1.46 -1.88 -9.28
CA PRO A 9 1.31 -0.97 -10.42
C PRO A 9 2.36 0.13 -10.38
N LYS A 10 2.67 0.70 -11.53
CA LYS A 10 3.73 1.69 -11.61
C LYS A 10 3.33 2.97 -10.85
N GLY A 11 3.96 3.19 -9.71
CA GLY A 11 3.71 4.39 -8.94
C GLY A 11 3.35 4.08 -7.51
N TRP A 12 3.12 2.80 -7.23
CA TRP A 12 2.76 2.36 -5.89
C TRP A 12 4.00 2.09 -5.05
N GLU A 13 3.77 1.87 -3.76
CA GLU A 13 4.83 1.69 -2.79
C GLU A 13 4.33 0.74 -1.71
N VAL A 14 5.17 -0.17 -1.22
CA VAL A 14 4.76 -1.06 -0.15
C VAL A 14 5.37 -0.58 1.15
N ARG A 15 4.58 -0.56 2.21
CA ARG A 15 5.06 -0.11 3.50
C ARG A 15 4.77 -1.14 4.58
N HIS A 16 4.81 -0.72 5.83
CA HIS A 16 4.75 -1.65 6.96
C HIS A 16 4.22 -0.94 8.19
N ALA A 17 3.25 -1.54 8.86
CA ALA A 17 2.75 -1.00 10.10
C ALA A 17 3.48 -1.68 11.25
N PRO A 18 3.66 -0.99 12.39
CA PRO A 18 4.36 -1.54 13.56
C PRO A 18 3.72 -2.83 14.08
N ASN A 19 2.49 -3.08 13.65
CA ASN A 19 1.77 -4.28 14.06
C ASN A 19 2.17 -5.48 13.21
N GLY A 20 2.93 -5.25 12.15
CA GLY A 20 3.39 -6.33 11.30
C GLY A 20 2.64 -6.38 9.97
N ARG A 21 1.51 -5.70 9.91
CA ARG A 21 0.70 -5.67 8.71
C ARG A 21 1.20 -4.62 7.73
N PRO A 22 1.54 -5.04 6.49
CA PRO A 22 2.00 -4.15 5.44
C PRO A 22 0.85 -3.43 4.74
N PHE A 23 1.05 -2.17 4.42
CA PHE A 23 0.05 -1.40 3.71
C PHE A 23 0.65 -0.81 2.44
N PHE A 24 -0.21 -0.41 1.52
CA PHE A 24 0.23 0.08 0.23
C PHE A 24 0.09 1.60 0.14
N ILE A 25 1.01 2.21 -0.59
CA ILE A 25 1.03 3.65 -0.79
C ILE A 25 1.09 3.97 -2.29
N ASP A 26 0.46 5.07 -2.67
CA ASP A 26 0.49 5.52 -4.06
C ASP A 26 1.23 6.85 -4.17
N HIS A 27 2.27 6.89 -5.01
CA HIS A 27 3.09 8.09 -5.19
C HIS A 27 2.35 9.18 -5.96
N ASN A 28 1.34 8.80 -6.74
CA ASN A 28 0.66 9.76 -7.62
C ASN A 28 -0.21 10.74 -6.85
N THR A 29 -1.16 10.23 -6.08
CA THR A 29 -2.07 11.09 -5.35
C THR A 29 -1.68 11.18 -3.87
N LYS A 30 -0.65 10.40 -3.49
CA LYS A 30 -0.14 10.39 -2.12
C LYS A 30 -1.18 9.85 -1.14
N THR A 31 -1.52 8.58 -1.30
CA THR A 31 -2.51 7.96 -0.43
C THR A 31 -2.01 6.60 0.07
N THR A 32 -2.55 6.16 1.20
CA THR A 32 -2.21 4.87 1.77
C THR A 32 -3.45 4.00 1.88
N THR A 33 -3.31 2.70 1.70
CA THR A 33 -4.45 1.80 1.76
C THR A 33 -4.07 0.43 2.32
N TRP A 34 -5.08 -0.23 2.90
CA TRP A 34 -4.91 -1.59 3.43
C TRP A 34 -5.46 -2.60 2.42
N GLU A 35 -6.09 -2.07 1.38
CA GLU A 35 -6.72 -2.90 0.38
C GLU A 35 -5.70 -3.28 -0.69
N ASP A 36 -5.82 -4.47 -1.25
CA ASP A 36 -4.85 -4.97 -2.20
C ASP A 36 -5.18 -4.47 -3.61
N PRO A 37 -4.26 -3.70 -4.23
CA PRO A 37 -4.48 -3.11 -5.55
C PRO A 37 -4.40 -4.14 -6.69
N ARG A 38 -3.92 -5.33 -6.39
CA ARG A 38 -3.87 -6.38 -7.40
C ARG A 38 -5.12 -7.26 -7.37
N LEU A 39 -5.65 -7.49 -6.17
CA LEU A 39 -6.87 -8.30 -6.03
C LEU A 39 -8.09 -7.45 -6.36
N LYS A 40 -7.96 -6.16 -6.10
CA LYS A 40 -9.02 -5.21 -6.41
C LYS A 40 -8.60 -4.39 -7.62
N ILE A 41 -9.46 -4.32 -8.61
CA ILE A 41 -9.13 -3.67 -9.87
C ILE A 41 -10.34 -2.99 -10.47
N PRO A 42 -10.15 -1.87 -11.16
CA PRO A 42 -11.22 -1.14 -11.83
C PRO A 42 -11.69 -1.86 -13.08
N ALA A 43 -12.99 -2.16 -13.15
CA ALA A 43 -13.55 -2.88 -14.29
C ALA A 43 -14.33 -1.93 -15.18
N THR B 1 -5.05 -2.80 15.74
CA THR B 1 -5.04 -2.22 14.41
C THR B 1 -4.66 -0.73 14.49
N ALA B 2 -3.43 -0.42 14.11
CA ALA B 2 -2.94 0.95 14.15
C ALA B 2 -2.96 1.57 12.76
N PRO B 3 -3.40 2.84 12.67
CA PRO B 3 -3.46 3.57 11.39
C PRO B 3 -2.09 3.67 10.72
N PRO B 4 -2.08 3.65 9.37
CA PRO B 4 -0.84 3.73 8.61
C PRO B 4 -0.22 5.12 8.64
N PRO B 5 1.07 5.22 9.02
CA PRO B 5 1.79 6.48 9.08
C PRO B 5 1.87 7.17 7.72
N ALA B 6 1.97 8.49 7.74
CA ALA B 6 2.05 9.27 6.51
C ALA B 6 3.31 8.95 5.73
N TYR B 7 3.21 8.94 4.42
CA TYR B 7 4.34 8.63 3.55
C TYR B 7 5.43 9.68 3.71
N ALA B 8 5.02 10.89 4.02
CA ALA B 8 5.96 12.01 4.17
C ALA B 8 6.82 11.90 5.43
N THR B 9 6.46 11.00 6.35
CA THR B 9 7.23 10.85 7.57
C THR B 9 8.02 9.54 7.57
N LEU B 10 7.70 8.65 6.64
CA LEU B 10 8.41 7.38 6.55
C LEU B 10 9.39 7.38 5.38
N GLY B 11 9.19 8.31 4.46
CA GLY B 11 10.06 8.42 3.31
C GLY B 11 10.13 9.84 2.78
N GLY A 1 3.84 -17.56 -2.47
CA GLY A 1 3.06 -16.36 -2.91
C GLY A 1 2.16 -15.84 -1.81
N SER A 2 0.85 -16.02 -1.98
CA SER A 2 -0.14 -15.59 -0.99
C SER A 2 -0.07 -14.08 -0.73
N MET A 3 0.39 -13.33 -1.74
CA MET A 3 0.54 -11.88 -1.63
C MET A 3 1.57 -11.48 -0.58
N GLU A 4 2.49 -12.38 -0.28
CA GLU A 4 3.57 -12.08 0.66
C GLU A 4 4.76 -11.50 -0.12
N GLN A 5 4.49 -11.21 -1.38
CA GLN A 5 5.48 -10.64 -2.28
C GLN A 5 5.04 -9.23 -2.65
N GLY A 6 5.85 -8.25 -2.29
CA GLY A 6 5.54 -6.86 -2.58
C GLY A 6 5.56 -6.54 -4.07
N PHE A 7 4.48 -6.86 -4.76
CA PHE A 7 4.36 -6.54 -6.17
C PHE A 7 3.22 -5.56 -6.35
N LEU A 8 3.56 -4.33 -6.72
CA LEU A 8 2.56 -3.28 -6.86
C LEU A 8 2.61 -2.64 -8.25
N PRO A 9 1.50 -2.03 -8.68
CA PRO A 9 1.42 -1.31 -9.96
C PRO A 9 2.35 -0.09 -9.95
N LYS A 10 2.47 0.57 -11.10
CA LYS A 10 3.39 1.70 -11.22
C LYS A 10 2.83 2.89 -10.46
N GLY A 11 3.48 3.22 -9.36
CA GLY A 11 3.06 4.33 -8.55
C GLY A 11 2.78 3.91 -7.13
N TRP A 12 2.34 2.67 -6.98
CA TRP A 12 2.05 2.12 -5.67
C TRP A 12 3.34 1.64 -4.99
N GLU A 13 3.24 1.29 -3.71
CA GLU A 13 4.39 0.91 -2.91
C GLU A 13 3.90 0.02 -1.77
N VAL A 14 4.79 -0.70 -1.10
CA VAL A 14 4.39 -1.49 0.05
C VAL A 14 5.24 -1.14 1.27
N ARG A 15 4.58 -1.06 2.42
CA ARG A 15 5.22 -0.73 3.68
C ARG A 15 5.00 -1.87 4.67
N HIS A 16 5.14 -1.61 5.96
CA HIS A 16 5.10 -2.64 6.98
C HIS A 16 4.64 -2.04 8.30
N ALA A 17 3.49 -2.46 8.78
CA ALA A 17 2.97 -1.98 10.06
C ALA A 17 3.66 -2.71 11.21
N PRO A 18 3.83 -2.03 12.36
CA PRO A 18 4.50 -2.61 13.54
C PRO A 18 3.89 -3.94 13.97
N ASN A 19 2.61 -4.11 13.68
CA ASN A 19 1.88 -5.34 14.02
C ASN A 19 2.33 -6.51 13.16
N GLY A 20 3.15 -6.25 12.14
CA GLY A 20 3.59 -7.31 11.27
C GLY A 20 2.68 -7.44 10.06
N ARG A 21 2.01 -6.35 9.73
CA ARG A 21 1.05 -6.35 8.64
C ARG A 21 1.50 -5.39 7.54
N PRO A 22 1.81 -5.91 6.36
CA PRO A 22 2.25 -5.09 5.23
C PRO A 22 1.10 -4.29 4.61
N PHE A 23 1.16 -2.98 4.76
CA PHE A 23 0.17 -2.12 4.15
C PHE A 23 0.78 -1.41 2.95
N PHE A 24 -0.02 -1.15 1.94
CA PHE A 24 0.47 -0.53 0.72
C PHE A 24 0.42 0.99 0.79
N ILE A 25 1.23 1.62 -0.05
CA ILE A 25 1.29 3.07 -0.13
C ILE A 25 1.15 3.48 -1.59
N ASP A 26 0.65 4.69 -1.83
CA ASP A 26 0.54 5.20 -3.19
C ASP A 26 1.40 6.45 -3.36
N HIS A 27 2.27 6.43 -4.36
CA HIS A 27 3.13 7.58 -4.65
C HIS A 27 2.36 8.68 -5.38
N ASN A 28 1.27 8.30 -6.05
CA ASN A 28 0.51 9.26 -6.86
C ASN A 28 -0.16 10.32 -5.98
N THR A 29 -0.98 9.88 -5.06
CA THR A 29 -1.65 10.80 -4.15
C THR A 29 -0.86 10.92 -2.84
N LYS A 30 0.17 10.09 -2.72
CA LYS A 30 1.10 10.12 -1.58
C LYS A 30 0.45 9.75 -0.25
N THR A 31 -0.56 8.90 -0.30
CA THR A 31 -1.22 8.43 0.91
C THR A 31 -1.00 6.92 1.06
N THR A 32 -1.56 6.35 2.11
CA THR A 32 -1.45 4.92 2.35
C THR A 32 -2.79 4.25 2.12
N THR A 33 -2.76 2.97 1.78
CA THR A 33 -3.97 2.26 1.46
C THR A 33 -4.01 0.89 2.16
N TRP A 34 -5.15 0.57 2.76
CA TRP A 34 -5.32 -0.71 3.43
C TRP A 34 -5.94 -1.73 2.50
N GLU A 35 -6.52 -1.25 1.41
CA GLU A 35 -7.12 -2.13 0.43
C GLU A 35 -6.10 -2.56 -0.60
N ASP A 36 -6.35 -3.72 -1.18
CA ASP A 36 -5.40 -4.36 -2.10
C ASP A 36 -5.56 -3.86 -3.54
N PRO A 37 -4.49 -3.28 -4.12
CA PRO A 37 -4.46 -2.82 -5.51
C PRO A 37 -3.91 -3.87 -6.47
N ARG A 38 -3.96 -5.11 -6.03
CA ARG A 38 -3.48 -6.24 -6.83
C ARG A 38 -4.64 -6.96 -7.49
N LEU A 39 -5.65 -7.26 -6.69
CA LEU A 39 -6.86 -7.93 -7.15
C LEU A 39 -7.86 -6.93 -7.72
N LYS A 40 -7.42 -5.68 -7.80
CA LYS A 40 -8.26 -4.62 -8.34
C LYS A 40 -7.59 -4.03 -9.58
N ILE A 41 -8.34 -3.85 -10.64
CA ILE A 41 -7.82 -3.28 -11.86
C ILE A 41 -8.57 -2.02 -12.25
N PRO A 42 -7.91 -0.86 -12.12
CA PRO A 42 -8.50 0.44 -12.47
C PRO A 42 -8.78 0.53 -13.97
N ALA A 43 -10.06 0.48 -14.32
CA ALA A 43 -10.48 0.55 -15.71
C ALA A 43 -11.85 1.19 -15.83
N THR B 1 -6.07 -0.51 16.55
CA THR B 1 -5.91 -0.08 15.17
C THR B 1 -5.32 1.33 15.10
N ALA B 2 -4.15 1.44 14.49
CA ALA B 2 -3.50 2.73 14.32
C ALA B 2 -3.37 3.09 12.85
N PRO B 3 -3.73 4.33 12.48
CA PRO B 3 -3.63 4.79 11.10
C PRO B 3 -2.17 4.91 10.65
N PRO B 4 -1.87 4.40 9.46
CA PRO B 4 -0.51 4.46 8.91
C PRO B 4 -0.16 5.85 8.39
N PRO B 5 1.06 6.31 8.65
CA PRO B 5 1.52 7.64 8.21
C PRO B 5 1.51 7.78 6.69
N ALA B 6 1.39 9.01 6.22
CA ALA B 6 1.38 9.25 4.78
C ALA B 6 2.81 9.27 4.23
N TYR B 7 2.93 9.17 2.92
CA TYR B 7 4.24 9.11 2.28
C TYR B 7 5.01 10.43 2.46
N ALA B 8 4.31 11.48 2.84
CA ALA B 8 4.92 12.78 3.04
C ALA B 8 5.82 12.80 4.28
N THR B 9 5.44 12.07 5.31
CA THR B 9 6.20 12.07 6.55
C THR B 9 7.20 10.91 6.60
N LEU B 10 6.90 9.81 5.89
CA LEU B 10 7.79 8.65 5.90
C LEU B 10 8.65 8.60 4.64
N GLY B 11 8.57 9.65 3.83
CA GLY B 11 9.34 9.69 2.60
C GLY B 11 10.22 10.93 2.51
N GLY A 1 -5.58 -16.21 -3.38
CA GLY A 1 -4.81 -14.97 -3.62
C GLY A 1 -3.73 -14.76 -2.59
N SER A 2 -2.49 -14.70 -3.05
CA SER A 2 -1.37 -14.49 -2.15
C SER A 2 -0.97 -13.02 -2.13
N MET A 3 -1.93 -12.17 -1.75
CA MET A 3 -1.73 -10.73 -1.72
C MET A 3 -0.98 -10.30 -0.47
N GLU A 4 0.31 -10.57 -0.49
CA GLU A 4 1.20 -10.15 0.58
C GLU A 4 2.14 -9.11 0.01
N GLN A 5 3.11 -9.57 -0.77
CA GLN A 5 3.98 -8.67 -1.52
C GLN A 5 4.51 -9.42 -2.74
N GLY A 6 4.57 -8.73 -3.86
CA GLY A 6 5.04 -9.36 -5.09
C GLY A 6 5.29 -8.35 -6.17
N PHE A 7 4.45 -8.37 -7.19
CA PHE A 7 4.59 -7.43 -8.30
C PHE A 7 3.47 -6.41 -8.24
N LEU A 8 3.76 -5.26 -7.68
CA LEU A 8 2.78 -4.20 -7.53
C LEU A 8 2.91 -3.21 -8.68
N PRO A 9 1.80 -2.54 -9.05
CA PRO A 9 1.81 -1.52 -10.11
C PRO A 9 2.78 -0.40 -9.78
N LYS A 10 3.16 0.38 -10.78
CA LYS A 10 4.16 1.42 -10.56
C LYS A 10 3.53 2.61 -9.86
N GLY A 11 4.01 2.88 -8.65
CA GLY A 11 3.48 3.96 -7.85
C GLY A 11 3.04 3.45 -6.50
N TRP A 12 2.66 2.18 -6.46
CA TRP A 12 2.24 1.55 -5.21
C TRP A 12 3.40 0.79 -4.60
N GLU A 13 3.83 1.20 -3.42
CA GLU A 13 4.93 0.54 -2.75
C GLU A 13 4.45 -0.12 -1.47
N VAL A 14 5.16 -1.16 -1.06
CA VAL A 14 4.81 -1.92 0.13
C VAL A 14 5.55 -1.39 1.36
N ARG A 15 4.80 -1.03 2.39
CA ARG A 15 5.40 -0.52 3.62
C ARG A 15 5.25 -1.56 4.75
N HIS A 16 5.33 -1.11 6.01
CA HIS A 16 5.40 -2.03 7.14
C HIS A 16 4.83 -1.39 8.39
N ALA A 17 3.81 -2.03 8.95
CA ALA A 17 3.24 -1.58 10.22
C ALA A 17 3.83 -2.42 11.35
N PRO A 18 3.78 -1.91 12.61
CA PRO A 18 4.33 -2.64 13.77
C PRO A 18 3.77 -4.06 13.92
N ASN A 19 2.55 -4.26 13.43
CA ASN A 19 1.90 -5.55 13.49
C ASN A 19 2.48 -6.55 12.49
N GLY A 20 3.35 -6.04 11.62
CA GLY A 20 3.91 -6.87 10.58
C GLY A 20 3.05 -6.85 9.33
N ARG A 21 2.08 -5.95 9.36
CA ARG A 21 1.14 -5.77 8.25
C ARG A 21 1.67 -4.75 7.25
N PRO A 22 1.88 -5.17 6.01
CA PRO A 22 2.35 -4.30 4.94
C PRO A 22 1.22 -3.50 4.32
N PHE A 23 1.27 -2.17 4.44
CA PHE A 23 0.27 -1.33 3.81
C PHE A 23 0.82 -0.76 2.51
N PHE A 24 -0.08 -0.36 1.64
CA PHE A 24 0.30 0.11 0.31
C PHE A 24 0.36 1.63 0.26
N ILE A 25 1.45 2.13 -0.31
CA ILE A 25 1.65 3.55 -0.48
C ILE A 25 1.45 3.94 -1.94
N ASP A 26 0.53 4.85 -2.20
CA ASP A 26 0.24 5.29 -3.55
C ASP A 26 0.97 6.60 -3.86
N HIS A 27 1.85 6.55 -4.83
CA HIS A 27 2.60 7.73 -5.25
C HIS A 27 1.77 8.63 -6.16
N ASN A 28 0.76 8.05 -6.80
CA ASN A 28 -0.07 8.77 -7.77
C ASN A 28 -0.74 9.99 -7.13
N THR A 29 -1.50 9.77 -6.08
CA THR A 29 -2.16 10.86 -5.38
C THR A 29 -1.48 11.12 -4.04
N LYS A 30 -0.46 10.31 -3.74
CA LYS A 30 0.32 10.44 -2.52
C LYS A 30 -0.52 10.18 -1.28
N THR A 31 -0.96 8.95 -1.17
CA THR A 31 -1.78 8.52 -0.04
C THR A 31 -1.38 7.11 0.37
N THR A 32 -1.87 6.67 1.53
CA THR A 32 -1.57 5.31 2.01
C THR A 32 -2.87 4.55 2.27
N THR A 33 -2.91 3.28 1.89
CA THR A 33 -4.14 2.51 2.06
C THR A 33 -3.83 1.05 2.44
N TRP A 34 -4.87 0.37 2.93
CA TRP A 34 -4.75 -1.03 3.33
C TRP A 34 -5.35 -1.95 2.27
N GLU A 35 -6.04 -1.38 1.29
CA GLU A 35 -6.68 -2.18 0.26
C GLU A 35 -5.67 -2.56 -0.82
N ASP A 36 -5.85 -3.74 -1.39
CA ASP A 36 -4.94 -4.27 -2.39
C ASP A 36 -5.34 -3.89 -3.81
N PRO A 37 -4.45 -3.17 -4.53
CA PRO A 37 -4.70 -2.76 -5.91
C PRO A 37 -4.33 -3.85 -6.92
N ARG A 38 -4.42 -5.10 -6.47
CA ARG A 38 -4.09 -6.24 -7.31
C ARG A 38 -5.35 -6.95 -7.77
N LEU A 39 -6.18 -7.33 -6.80
CA LEU A 39 -7.41 -8.07 -7.08
C LEU A 39 -8.60 -7.13 -7.24
N LYS A 40 -8.53 -5.95 -6.64
CA LYS A 40 -9.63 -5.00 -6.73
C LYS A 40 -9.18 -3.75 -7.45
N ILE A 41 -10.12 -3.07 -8.08
CA ILE A 41 -9.82 -1.83 -8.79
C ILE A 41 -9.72 -0.68 -7.80
N PRO A 42 -8.55 -0.02 -7.75
CA PRO A 42 -8.30 1.10 -6.84
C PRO A 42 -9.16 2.33 -7.15
N ALA A 43 -9.02 3.36 -6.32
CA ALA A 43 -9.79 4.59 -6.46
C ALA A 43 -9.32 5.63 -5.45
N THR B 1 -2.70 -3.05 11.06
CA THR B 1 -3.86 -3.01 11.93
C THR B 1 -4.08 -1.60 12.48
N ALA B 2 -3.01 -0.81 12.47
CA ALA B 2 -3.06 0.55 12.95
C ALA B 2 -2.95 1.53 11.79
N PRO B 3 -3.50 2.75 11.94
CA PRO B 3 -3.43 3.78 10.88
C PRO B 3 -1.99 4.06 10.44
N PRO B 4 -1.76 4.13 9.12
CA PRO B 4 -0.44 4.37 8.56
C PRO B 4 -0.03 5.83 8.61
N PRO B 5 1.27 6.11 8.77
CA PRO B 5 1.80 7.48 8.83
C PRO B 5 1.62 8.23 7.51
N ALA B 6 1.75 9.55 7.58
CA ALA B 6 1.61 10.40 6.40
C ALA B 6 2.74 10.15 5.40
N TYR B 7 2.43 10.35 4.12
CA TYR B 7 3.38 10.12 3.03
C TYR B 7 4.66 10.92 3.22
N ALA B 8 4.51 12.14 3.74
CA ALA B 8 5.65 13.03 3.93
C ALA B 8 6.51 12.65 5.14
N THR B 9 6.00 11.77 6.00
CA THR B 9 6.73 11.44 7.22
C THR B 9 7.12 9.96 7.27
N LEU B 10 6.52 9.13 6.42
CA LEU B 10 6.84 7.70 6.39
C LEU B 10 8.15 7.44 5.66
N GLY B 11 8.60 8.44 4.91
CA GLY B 11 9.83 8.32 4.15
C GLY B 11 10.11 9.57 3.34
N GLY A 1 -1.23 -14.03 2.55
CA GLY A 1 -2.66 -13.77 2.22
C GLY A 1 -3.11 -14.57 1.03
N SER A 2 -4.26 -14.22 0.47
CA SER A 2 -4.75 -14.91 -0.72
C SER A 2 -3.96 -14.46 -1.93
N MET A 3 -3.61 -13.18 -1.93
CA MET A 3 -2.82 -12.58 -2.99
C MET A 3 -1.72 -11.73 -2.40
N GLU A 4 -0.48 -12.13 -2.61
CA GLU A 4 0.66 -11.37 -2.13
C GLU A 4 0.82 -10.10 -2.97
N GLN A 5 1.66 -9.17 -2.51
CA GLN A 5 1.81 -7.89 -3.20
C GLN A 5 2.24 -8.07 -4.65
N GLY A 6 3.23 -8.93 -4.89
CA GLY A 6 3.67 -9.18 -6.25
C GLY A 6 4.27 -7.95 -6.90
N PHE A 7 3.70 -7.56 -8.03
CA PHE A 7 4.15 -6.38 -8.73
C PHE A 7 3.09 -5.31 -8.64
N LEU A 8 3.39 -4.22 -7.97
CA LEU A 8 2.44 -3.14 -7.81
C LEU A 8 2.43 -2.25 -9.05
N PRO A 9 1.30 -1.57 -9.32
CA PRO A 9 1.18 -0.66 -10.47
C PRO A 9 2.20 0.48 -10.38
N LYS A 10 2.48 1.11 -11.51
CA LYS A 10 3.49 2.18 -11.55
C LYS A 10 3.21 3.27 -10.51
N GLY A 11 3.99 3.24 -9.44
CA GLY A 11 3.94 4.30 -8.46
C GLY A 11 3.49 3.80 -7.11
N TRP A 12 3.13 2.53 -7.03
CA TRP A 12 2.69 1.94 -5.78
C TRP A 12 3.86 1.28 -5.08
N GLU A 13 3.79 1.19 -3.77
CA GLU A 13 4.87 0.62 -2.97
C GLU A 13 4.25 -0.11 -1.78
N VAL A 14 4.97 -1.04 -1.17
CA VAL A 14 4.44 -1.74 0.00
C VAL A 14 5.38 -1.53 1.19
N ARG A 15 4.80 -1.14 2.33
CA ARG A 15 5.58 -0.82 3.50
C ARG A 15 5.34 -1.81 4.64
N HIS A 16 5.55 -1.34 5.86
CA HIS A 16 5.56 -2.19 7.05
C HIS A 16 5.12 -1.37 8.25
N ALA A 17 3.96 -1.70 8.80
CA ALA A 17 3.44 -1.01 9.96
C ALA A 17 4.01 -1.63 11.23
N PRO A 18 4.09 -0.85 12.33
CA PRO A 18 4.63 -1.35 13.60
C PRO A 18 3.88 -2.56 14.15
N ASN A 19 2.64 -2.73 13.69
CA ASN A 19 1.82 -3.86 14.11
C ASN A 19 2.20 -5.14 13.36
N GLY A 20 3.07 -4.99 12.37
CA GLY A 20 3.49 -6.12 11.56
C GLY A 20 2.60 -6.32 10.35
N ARG A 21 1.93 -5.24 9.95
CA ARG A 21 1.03 -5.29 8.81
C ARG A 21 1.61 -4.52 7.62
N PRO A 22 1.50 -5.09 6.42
CA PRO A 22 1.95 -4.43 5.21
C PRO A 22 0.88 -3.54 4.61
N PHE A 23 1.21 -2.28 4.39
CA PHE A 23 0.28 -1.36 3.76
C PHE A 23 0.90 -0.77 2.51
N PHE A 24 0.08 -0.54 1.51
CA PHE A 24 0.55 -0.03 0.23
C PHE A 24 0.53 1.49 0.20
N ILE A 25 1.54 2.06 -0.44
CA ILE A 25 1.68 3.50 -0.56
C ILE A 25 1.67 3.90 -2.03
N ASP A 26 0.70 4.69 -2.43
CA ASP A 26 0.63 5.15 -3.81
C ASP A 26 1.28 6.51 -3.96
N HIS A 27 2.28 6.57 -4.80
CA HIS A 27 3.02 7.80 -5.06
C HIS A 27 2.30 8.67 -6.09
N ASN A 28 1.24 8.15 -6.70
CA ASN A 28 0.52 8.89 -7.73
C ASN A 28 -0.50 9.84 -7.13
N THR A 29 -1.44 9.31 -6.35
CA THR A 29 -2.48 10.12 -5.74
C THR A 29 -2.08 10.51 -4.33
N LYS A 30 -0.90 10.04 -3.91
CA LYS A 30 -0.32 10.38 -2.60
C LYS A 30 -1.18 9.90 -1.45
N THR A 31 -1.30 8.58 -1.31
CA THR A 31 -2.10 8.01 -0.24
C THR A 31 -1.59 6.63 0.17
N THR A 32 -2.09 6.14 1.30
CA THR A 32 -1.74 4.81 1.78
C THR A 32 -3.00 3.96 1.89
N THR A 33 -2.89 2.67 1.63
CA THR A 33 -4.05 1.81 1.68
C THR A 33 -3.72 0.45 2.29
N TRP A 34 -4.76 -0.20 2.81
CA TRP A 34 -4.64 -1.50 3.45
C TRP A 34 -5.21 -2.60 2.55
N GLU A 35 -5.83 -2.18 1.45
CA GLU A 35 -6.47 -3.12 0.54
C GLU A 35 -5.57 -3.43 -0.66
N ASP A 36 -5.88 -4.52 -1.36
CA ASP A 36 -5.03 -5.00 -2.45
C ASP A 36 -5.47 -4.36 -3.77
N PRO A 37 -4.53 -3.69 -4.46
CA PRO A 37 -4.81 -3.03 -5.72
C PRO A 37 -4.73 -3.95 -6.95
N ARG A 38 -4.25 -5.18 -6.76
CA ARG A 38 -4.16 -6.13 -7.86
C ARG A 38 -5.37 -7.05 -7.93
N LEU A 39 -6.06 -7.21 -6.80
CA LEU A 39 -7.27 -8.02 -6.76
C LEU A 39 -8.44 -7.24 -7.34
N LYS A 40 -8.27 -5.93 -7.46
CA LYS A 40 -9.31 -5.06 -7.97
C LYS A 40 -8.80 -4.28 -9.18
N ILE A 41 -9.68 -3.95 -10.10
CA ILE A 41 -9.30 -3.21 -11.30
C ILE A 41 -10.42 -2.27 -11.74
N PRO A 42 -10.22 -0.96 -11.54
CA PRO A 42 -11.20 0.06 -11.90
C PRO A 42 -11.24 0.34 -13.40
N ALA A 43 -12.22 1.12 -13.81
CA ALA A 43 -12.36 1.49 -15.22
C ALA A 43 -12.58 3.00 -15.36
N THR B 1 -7.63 -0.34 13.82
CA THR B 1 -8.41 0.88 13.95
C THR B 1 -7.49 2.10 13.90
N ALA B 2 -6.20 1.84 14.04
CA ALA B 2 -5.19 2.88 14.02
C ALA B 2 -4.62 3.05 12.63
N PRO B 3 -4.66 4.29 12.10
CA PRO B 3 -4.14 4.60 10.76
C PRO B 3 -2.62 4.55 10.70
N PRO B 4 -2.05 4.36 9.50
CA PRO B 4 -0.60 4.34 9.30
C PRO B 4 0.01 5.72 9.50
N PRO B 5 1.33 5.79 9.71
CA PRO B 5 2.04 7.06 9.93
C PRO B 5 1.90 8.03 8.75
N ALA B 6 2.33 9.27 8.97
CA ALA B 6 2.26 10.30 7.94
C ALA B 6 3.15 9.95 6.74
N TYR B 7 2.69 10.32 5.55
CA TYR B 7 3.42 10.02 4.32
C TYR B 7 4.84 10.56 4.37
N ALA B 8 5.01 11.75 4.95
CA ALA B 8 6.30 12.41 5.00
C ALA B 8 7.31 11.64 5.87
N THR B 9 6.81 10.86 6.83
CA THR B 9 7.71 10.15 7.73
C THR B 9 7.88 8.69 7.30
N LEU B 10 7.17 8.29 6.24
CA LEU B 10 7.29 6.92 5.74
C LEU B 10 7.85 6.91 4.32
N GLY B 11 7.93 8.08 3.71
CA GLY B 11 8.44 8.18 2.35
C GLY B 11 8.90 9.59 2.04
N GLY A 1 -9.94 -11.20 2.07
CA GLY A 1 -9.22 -10.86 0.82
C GLY A 1 -7.75 -11.23 0.89
N SER A 2 -7.30 -11.97 -0.11
CA SER A 2 -5.90 -12.37 -0.19
C SER A 2 -5.44 -12.28 -1.64
N MET A 3 -4.15 -12.01 -1.85
CA MET A 3 -3.62 -11.91 -3.19
C MET A 3 -2.27 -12.60 -3.29
N GLU A 4 -2.06 -13.31 -4.39
CA GLU A 4 -0.83 -14.07 -4.61
C GLU A 4 0.22 -13.19 -5.31
N GLN A 5 0.18 -11.89 -5.04
CA GLN A 5 1.07 -10.96 -5.73
C GLN A 5 1.78 -10.05 -4.74
N GLY A 6 3.10 -10.11 -4.75
CA GLY A 6 3.90 -9.20 -3.95
C GLY A 6 4.43 -8.09 -4.82
N PHE A 7 3.81 -7.92 -5.97
CA PHE A 7 4.21 -6.92 -6.94
C PHE A 7 3.09 -5.90 -7.13
N LEU A 8 3.43 -4.65 -6.91
CA LEU A 8 2.45 -3.58 -7.00
C LEU A 8 2.61 -2.80 -8.30
N PRO A 9 1.50 -2.20 -8.79
CA PRO A 9 1.53 -1.39 -10.01
C PRO A 9 2.50 -0.21 -9.88
N LYS A 10 2.84 0.42 -10.99
CA LYS A 10 3.81 1.50 -10.97
C LYS A 10 3.21 2.73 -10.31
N GLY A 11 3.66 3.01 -9.11
CA GLY A 11 3.17 4.15 -8.37
C GLY A 11 2.77 3.73 -6.99
N TRP A 12 2.51 2.44 -6.82
CA TRP A 12 2.14 1.88 -5.52
C TRP A 12 3.33 1.17 -4.91
N GLU A 13 3.64 1.50 -3.66
CA GLU A 13 4.73 0.86 -2.94
C GLU A 13 4.13 0.06 -1.78
N VAL A 14 4.90 -0.83 -1.17
CA VAL A 14 4.40 -1.57 -0.03
C VAL A 14 5.33 -1.41 1.17
N ARG A 15 4.72 -1.23 2.34
CA ARG A 15 5.45 -1.02 3.57
C ARG A 15 5.04 -2.07 4.63
N HIS A 16 5.16 -1.72 5.90
CA HIS A 16 5.04 -2.69 6.98
C HIS A 16 4.58 -2.02 8.25
N ALA A 17 3.50 -2.52 8.82
CA ALA A 17 2.96 -2.01 10.08
C ALA A 17 3.37 -2.94 11.22
N PRO A 18 3.43 -2.42 12.46
CA PRO A 18 3.82 -3.20 13.64
C PRO A 18 2.96 -4.46 13.83
N ASN A 19 1.74 -4.43 13.32
CA ASN A 19 0.82 -5.56 13.41
C ASN A 19 1.26 -6.71 12.49
N GLY A 20 2.19 -6.41 11.59
CA GLY A 20 2.66 -7.41 10.65
C GLY A 20 1.98 -7.26 9.31
N ARG A 21 1.12 -6.26 9.22
CA ARG A 21 0.39 -5.99 7.99
C ARG A 21 1.19 -5.10 7.06
N PRO A 22 1.29 -5.49 5.78
CA PRO A 22 1.98 -4.70 4.78
C PRO A 22 1.02 -3.69 4.13
N PHE A 23 1.08 -2.45 4.58
CA PHE A 23 0.23 -1.42 4.01
C PHE A 23 0.92 -0.82 2.79
N PHE A 24 0.12 -0.50 1.79
CA PHE A 24 0.64 0.03 0.54
C PHE A 24 0.63 1.55 0.56
N ILE A 25 1.55 2.15 -0.17
CA ILE A 25 1.68 3.59 -0.23
C ILE A 25 1.62 4.06 -1.67
N ASP A 26 0.64 4.90 -1.99
CA ASP A 26 0.46 5.41 -3.34
C ASP A 26 1.24 6.70 -3.57
N HIS A 27 2.15 6.67 -4.54
CA HIS A 27 2.96 7.83 -4.89
C HIS A 27 2.19 8.86 -5.73
N ASN A 28 1.02 8.49 -6.20
CA ASN A 28 0.23 9.39 -7.05
C ASN A 28 -0.38 10.52 -6.24
N THR A 29 -1.16 10.18 -5.24
CA THR A 29 -1.80 11.18 -4.40
C THR A 29 -1.08 11.29 -3.06
N LYS A 30 -0.04 10.47 -2.89
CA LYS A 30 0.77 10.46 -1.67
C LYS A 30 -0.05 10.09 -0.44
N THR A 31 -0.55 8.86 -0.42
CA THR A 31 -1.36 8.37 0.69
C THR A 31 -1.04 6.91 0.98
N THR A 32 -1.47 6.43 2.13
CA THR A 32 -1.27 5.04 2.51
C THR A 32 -2.61 4.30 2.56
N THR A 33 -2.59 3.04 2.16
CA THR A 33 -3.81 2.24 2.16
C THR A 33 -3.53 0.83 2.70
N TRP A 34 -4.58 0.17 3.16
CA TRP A 34 -4.47 -1.16 3.73
C TRP A 34 -4.99 -2.21 2.76
N GLU A 35 -5.58 -1.74 1.67
CA GLU A 35 -6.22 -2.63 0.70
C GLU A 35 -5.24 -2.99 -0.42
N ASP A 36 -5.47 -4.14 -1.07
CA ASP A 36 -4.57 -4.64 -2.09
C ASP A 36 -5.05 -4.21 -3.48
N PRO A 37 -4.14 -3.62 -4.27
CA PRO A 37 -4.47 -3.11 -5.60
C PRO A 37 -4.34 -4.16 -6.71
N ARG A 38 -3.95 -5.39 -6.39
CA ARG A 38 -3.88 -6.43 -7.41
C ARG A 38 -5.18 -7.24 -7.50
N LEU A 39 -5.83 -7.49 -6.36
CA LEU A 39 -7.06 -8.27 -6.35
C LEU A 39 -8.24 -7.46 -6.89
N LYS A 40 -8.00 -6.19 -7.12
CA LYS A 40 -8.98 -5.29 -7.72
C LYS A 40 -8.23 -4.26 -8.54
N ILE A 41 -8.76 -3.90 -9.69
CA ILE A 41 -8.01 -3.03 -10.60
C ILE A 41 -8.78 -1.75 -10.89
N PRO A 42 -8.27 -0.61 -10.42
CA PRO A 42 -8.88 0.70 -10.64
C PRO A 42 -8.83 1.09 -12.12
N ALA A 43 -10.00 1.35 -12.68
CA ALA A 43 -10.11 1.73 -14.08
C ALA A 43 -10.97 2.98 -14.23
N THR B 1 -4.34 -2.58 15.16
CA THR B 1 -4.09 -1.98 13.86
C THR B 1 -3.60 -0.54 14.02
N ALA B 2 -2.31 -0.34 13.79
CA ALA B 2 -1.72 0.98 13.92
C ALA B 2 -1.79 1.71 12.59
N PRO B 3 -2.54 2.83 12.54
CA PRO B 3 -2.68 3.64 11.32
C PRO B 3 -1.36 4.24 10.88
N PRO B 4 -1.06 4.16 9.57
CA PRO B 4 0.18 4.67 9.02
C PRO B 4 0.11 6.16 8.69
N PRO B 5 1.25 6.86 8.72
CA PRO B 5 1.34 8.29 8.42
C PRO B 5 1.32 8.56 6.92
N ALA B 6 1.28 9.83 6.56
CA ALA B 6 1.28 10.25 5.17
C ALA B 6 2.65 10.04 4.53
N TYR B 7 2.66 9.90 3.20
CA TYR B 7 3.90 9.66 2.47
C TYR B 7 4.91 10.79 2.68
N ALA B 8 4.41 12.01 2.77
CA ALA B 8 5.25 13.19 2.92
C ALA B 8 6.12 13.15 4.17
N THR B 9 5.76 12.34 5.16
CA THR B 9 6.52 12.28 6.39
C THR B 9 7.21 10.93 6.58
N LEU B 10 6.73 9.88 5.92
CA LEU B 10 7.32 8.56 6.07
C LEU B 10 8.48 8.35 5.10
N GLY B 11 8.63 9.27 4.15
CA GLY B 11 9.71 9.18 3.18
C GLY B 11 9.85 10.44 2.35
N GLY A 1 -3.18 -16.20 -15.33
CA GLY A 1 -3.43 -16.36 -13.88
C GLY A 1 -3.64 -15.04 -13.20
N SER A 2 -3.88 -15.07 -11.90
CA SER A 2 -4.11 -13.86 -11.13
C SER A 2 -2.78 -13.28 -10.64
N MET A 3 -2.81 -12.01 -10.24
CA MET A 3 -1.61 -11.33 -9.75
C MET A 3 -1.05 -12.07 -8.55
N GLU A 4 0.25 -12.36 -8.58
CA GLU A 4 0.90 -13.16 -7.54
C GLU A 4 1.15 -12.41 -6.22
N GLN A 5 0.25 -11.50 -5.86
CA GLN A 5 0.33 -10.78 -4.59
C GLN A 5 1.48 -9.77 -4.46
N GLY A 6 2.73 -10.17 -4.72
CA GLY A 6 3.85 -9.30 -4.40
C GLY A 6 4.29 -8.33 -5.49
N PHE A 7 3.65 -8.36 -6.65
CA PHE A 7 4.03 -7.43 -7.70
C PHE A 7 3.01 -6.31 -7.77
N LEU A 8 3.44 -5.12 -7.36
CA LEU A 8 2.55 -3.98 -7.24
C LEU A 8 2.55 -3.14 -8.52
N PRO A 9 1.44 -2.42 -8.78
CA PRO A 9 1.32 -1.52 -9.92
C PRO A 9 2.30 -0.35 -9.81
N LYS A 10 2.37 0.45 -10.87
CA LYS A 10 3.34 1.54 -10.94
C LYS A 10 2.96 2.67 -9.98
N GLY A 11 3.74 2.82 -8.93
CA GLY A 11 3.49 3.88 -7.96
C GLY A 11 3.03 3.35 -6.62
N TRP A 12 2.53 2.13 -6.59
CA TRP A 12 2.08 1.51 -5.35
C TRP A 12 3.24 0.85 -4.61
N GLU A 13 3.55 1.36 -3.44
CA GLU A 13 4.62 0.80 -2.62
C GLU A 13 4.04 0.06 -1.41
N VAL A 14 4.91 -0.66 -0.72
CA VAL A 14 4.50 -1.47 0.42
C VAL A 14 5.35 -1.14 1.64
N ARG A 15 4.71 -0.88 2.77
CA ARG A 15 5.43 -0.58 4.00
C ARG A 15 5.27 -1.73 5.00
N HIS A 16 5.47 -1.43 6.28
CA HIS A 16 5.52 -2.48 7.28
C HIS A 16 5.15 -1.94 8.65
N ALA A 17 4.01 -2.34 9.16
CA ALA A 17 3.58 -1.94 10.50
C ALA A 17 4.26 -2.85 11.53
N PRO A 18 4.43 -2.37 12.77
CA PRO A 18 5.10 -3.13 13.85
C PRO A 18 4.50 -4.54 14.05
N ASN A 19 3.21 -4.67 13.80
CA ASN A 19 2.52 -5.96 13.95
C ASN A 19 2.81 -6.89 12.77
N GLY A 20 3.49 -6.37 11.76
CA GLY A 20 3.80 -7.17 10.59
C GLY A 20 2.77 -6.98 9.50
N ARG A 21 1.99 -5.92 9.60
CA ARG A 21 0.97 -5.62 8.60
C ARG A 21 1.51 -4.68 7.53
N PRO A 22 1.63 -5.15 6.30
CA PRO A 22 2.13 -4.36 5.18
C PRO A 22 1.04 -3.51 4.55
N PHE A 23 1.06 -2.20 4.79
CA PHE A 23 0.10 -1.33 4.15
C PHE A 23 0.71 -0.74 2.89
N PHE A 24 -0.14 -0.30 1.98
CA PHE A 24 0.33 0.20 0.70
C PHE A 24 0.47 1.72 0.71
N ILE A 25 1.49 2.19 0.01
CA ILE A 25 1.75 3.61 -0.13
C ILE A 25 1.54 4.01 -1.58
N ASP A 26 0.84 5.11 -1.80
CA ASP A 26 0.52 5.52 -3.15
C ASP A 26 1.33 6.75 -3.58
N HIS A 27 2.17 6.56 -4.59
CA HIS A 27 2.98 7.63 -5.15
C HIS A 27 2.18 8.52 -6.11
N ASN A 28 0.90 8.23 -6.29
CA ASN A 28 0.11 8.98 -7.28
C ASN A 28 -0.57 10.20 -6.66
N THR A 29 -1.40 9.97 -5.64
CA THR A 29 -2.11 11.07 -4.98
C THR A 29 -1.46 11.37 -3.63
N LYS A 30 -0.36 10.69 -3.34
CA LYS A 30 0.43 10.92 -2.12
C LYS A 30 -0.36 10.56 -0.87
N THR A 31 -0.67 9.29 -0.72
CA THR A 31 -1.42 8.82 0.44
C THR A 31 -1.09 7.37 0.74
N THR A 32 -1.75 6.81 1.74
CA THR A 32 -1.58 5.41 2.10
C THR A 32 -2.93 4.71 1.97
N THR A 33 -2.92 3.42 1.67
CA THR A 33 -4.16 2.72 1.48
C THR A 33 -4.06 1.25 1.93
N TRP A 34 -5.20 0.67 2.28
CA TRP A 34 -5.25 -0.71 2.70
C TRP A 34 -5.85 -1.60 1.62
N GLU A 35 -6.52 -0.99 0.64
CA GLU A 35 -7.15 -1.74 -0.44
C GLU A 35 -6.12 -2.27 -1.43
N ASP A 36 -6.22 -3.56 -1.74
CA ASP A 36 -5.32 -4.20 -2.68
C ASP A 36 -5.81 -4.02 -4.12
N PRO A 37 -4.93 -3.47 -4.98
CA PRO A 37 -5.23 -3.26 -6.40
C PRO A 37 -4.70 -4.41 -7.27
N ARG A 38 -4.55 -5.57 -6.66
CA ARG A 38 -4.06 -6.75 -7.36
C ARG A 38 -5.20 -7.68 -7.74
N LEU A 39 -6.02 -8.01 -6.76
CA LEU A 39 -7.17 -8.90 -6.97
C LEU A 39 -8.30 -8.18 -7.69
N LYS A 40 -8.09 -6.92 -8.03
CA LYS A 40 -9.08 -6.11 -8.70
C LYS A 40 -8.44 -5.06 -9.59
N ILE A 41 -9.20 -4.54 -10.52
CA ILE A 41 -8.70 -3.50 -11.42
C ILE A 41 -9.63 -2.29 -11.37
N PRO A 42 -9.08 -1.11 -11.06
CA PRO A 42 -9.87 0.13 -10.95
C PRO A 42 -10.41 0.58 -12.31
N ALA A 43 -11.72 0.79 -12.38
CA ALA A 43 -12.39 1.22 -13.59
C ALA A 43 -12.07 0.30 -14.78
N THR B 1 -3.75 -2.14 16.47
CA THR B 1 -3.64 -1.63 15.11
C THR B 1 -2.84 -0.33 15.08
N ALA B 2 -2.16 -0.10 13.96
CA ALA B 2 -1.36 1.11 13.80
C ALA B 2 -1.78 1.87 12.55
N PRO B 3 -2.37 3.07 12.73
CA PRO B 3 -2.78 3.90 11.60
C PRO B 3 -1.56 4.41 10.82
N PRO B 4 -1.61 4.33 9.48
CA PRO B 4 -0.49 4.74 8.64
C PRO B 4 -0.44 6.25 8.42
N PRO B 5 0.71 6.87 8.74
CA PRO B 5 0.93 8.31 8.55
C PRO B 5 1.06 8.69 7.08
N ALA B 6 1.14 9.99 6.79
CA ALA B 6 1.23 10.47 5.42
C ALA B 6 2.60 10.17 4.82
N TYR B 7 2.64 10.13 3.49
CA TYR B 7 3.86 9.82 2.75
C TYR B 7 5.00 10.79 3.09
N ALA B 8 4.64 12.01 3.46
CA ALA B 8 5.61 13.05 3.77
C ALA B 8 6.48 12.70 4.97
N THR B 9 5.94 11.93 5.91
CA THR B 9 6.68 11.56 7.10
C THR B 9 7.05 10.07 7.08
N LEU B 10 6.71 9.41 5.97
CA LEU B 10 7.01 7.99 5.83
C LEU B 10 8.40 7.79 5.23
N GLY B 11 8.92 8.81 4.58
CA GLY B 11 10.23 8.71 3.97
C GLY B 11 11.34 8.85 4.99
N GLY A 1 1.48 -13.36 0.57
CA GLY A 1 0.30 -12.57 0.11
C GLY A 1 -0.46 -13.28 -0.99
N SER A 2 -1.77 -13.06 -1.05
CA SER A 2 -2.63 -13.72 -2.04
C SER A 2 -2.62 -12.98 -3.38
N MET A 3 -1.59 -12.18 -3.62
CA MET A 3 -1.49 -11.40 -4.85
C MET A 3 -0.11 -11.56 -5.45
N GLU A 4 0.84 -10.82 -4.89
CA GLU A 4 2.23 -10.83 -5.32
C GLU A 4 3.11 -10.41 -4.15
N GLN A 5 4.39 -10.75 -4.20
CA GLN A 5 5.30 -10.35 -3.14
C GLN A 5 6.21 -9.24 -3.62
N GLY A 6 5.72 -8.01 -3.53
CA GLY A 6 6.49 -6.87 -3.96
C GLY A 6 6.00 -6.29 -5.26
N PHE A 7 5.64 -7.16 -6.20
CA PHE A 7 5.14 -6.72 -7.50
C PHE A 7 3.78 -6.04 -7.36
N LEU A 8 3.79 -4.73 -7.52
CA LEU A 8 2.60 -3.91 -7.38
C LEU A 8 2.52 -2.96 -8.58
N PRO A 9 1.36 -2.31 -8.83
CA PRO A 9 1.27 -1.29 -9.89
C PRO A 9 2.34 -0.24 -9.66
N LYS A 10 3.15 -0.01 -10.68
CA LYS A 10 4.29 0.90 -10.53
C LYS A 10 3.85 2.32 -10.19
N GLY A 11 3.88 2.63 -8.90
CA GLY A 11 3.66 3.98 -8.42
C GLY A 11 3.14 3.88 -6.99
N TRP A 12 2.62 2.71 -6.67
CA TRP A 12 2.20 2.35 -5.32
C TRP A 12 3.38 1.73 -4.56
N GLU A 13 3.23 1.50 -3.27
CA GLU A 13 4.34 0.99 -2.47
C GLU A 13 3.84 0.07 -1.35
N VAL A 14 4.66 -0.92 -1.04
CA VAL A 14 4.40 -1.84 0.08
C VAL A 14 5.17 -1.39 1.30
N ARG A 15 4.49 -1.20 2.42
CA ARG A 15 5.18 -0.78 3.64
C ARG A 15 4.73 -1.62 4.84
N HIS A 16 5.64 -1.86 5.77
CA HIS A 16 5.34 -2.66 6.94
C HIS A 16 4.86 -1.81 8.11
N ALA A 17 3.84 -2.32 8.80
CA ALA A 17 3.32 -1.67 9.98
C ALA A 17 3.86 -2.37 11.23
N PRO A 18 3.76 -1.74 12.42
CA PRO A 18 4.24 -2.32 13.68
C PRO A 18 3.58 -3.65 14.05
N ASN A 19 2.59 -4.06 13.26
CA ASN A 19 1.87 -5.30 13.52
C ASN A 19 2.24 -6.35 12.48
N GLY A 20 3.34 -6.11 11.76
CA GLY A 20 3.79 -7.04 10.74
C GLY A 20 2.88 -7.06 9.53
N ARG A 21 1.95 -6.11 9.48
CA ARG A 21 1.01 -6.02 8.37
C ARG A 21 1.54 -5.09 7.30
N PRO A 22 1.78 -5.60 6.09
CA PRO A 22 2.20 -4.80 4.96
C PRO A 22 1.03 -4.04 4.34
N PHE A 23 1.03 -2.73 4.48
CA PHE A 23 0.00 -1.91 3.89
C PHE A 23 0.49 -1.30 2.59
N PHE A 24 -0.44 -0.77 1.80
CA PHE A 24 -0.11 -0.25 0.50
C PHE A 24 -0.19 1.28 0.48
N ILE A 25 0.73 1.89 -0.25
CA ILE A 25 0.82 3.32 -0.35
C ILE A 25 0.83 3.74 -1.82
N ASP A 26 0.39 4.95 -2.10
CA ASP A 26 0.47 5.53 -3.43
C ASP A 26 1.46 6.67 -3.38
N HIS A 27 2.42 6.76 -4.32
CA HIS A 27 3.42 7.83 -4.23
C HIS A 27 2.85 9.15 -4.76
N ASN A 28 1.85 9.05 -5.62
CA ASN A 28 1.28 10.20 -6.31
C ASN A 28 0.70 11.21 -5.33
N THR A 29 -0.23 10.77 -4.52
CA THR A 29 -0.92 11.65 -3.58
C THR A 29 -0.46 11.39 -2.14
N LYS A 30 0.57 10.55 -1.99
CA LYS A 30 1.13 10.22 -0.67
C LYS A 30 0.07 9.56 0.21
N THR A 31 -0.83 8.85 -0.43
CA THR A 31 -1.94 8.22 0.26
C THR A 31 -1.63 6.78 0.65
N THR A 32 -2.09 6.38 1.83
CA THR A 32 -1.91 5.03 2.32
C THR A 32 -3.26 4.31 2.36
N THR A 33 -3.25 3.01 2.08
CA THR A 33 -4.48 2.25 2.08
C THR A 33 -4.26 0.83 2.61
N TRP A 34 -5.35 0.15 2.95
CA TRP A 34 -5.27 -1.19 3.50
C TRP A 34 -5.71 -2.23 2.48
N GLU A 35 -6.18 -1.76 1.33
CA GLU A 35 -6.64 -2.64 0.28
C GLU A 35 -5.56 -2.75 -0.80
N ASP A 36 -5.62 -3.78 -1.62
CA ASP A 36 -4.57 -4.04 -2.59
C ASP A 36 -5.08 -3.89 -4.02
N PRO A 37 -4.33 -3.14 -4.86
CA PRO A 37 -4.71 -2.88 -6.25
C PRO A 37 -4.48 -4.08 -7.20
N ARG A 38 -3.90 -5.16 -6.68
CA ARG A 38 -3.73 -6.38 -7.47
C ARG A 38 -5.03 -7.20 -7.46
N LEU A 39 -5.56 -7.45 -6.27
CA LEU A 39 -6.75 -8.27 -6.11
C LEU A 39 -8.04 -7.50 -6.40
N LYS A 40 -7.93 -6.21 -6.69
CA LYS A 40 -9.10 -5.39 -7.00
C LYS A 40 -8.71 -4.29 -7.97
N ILE A 41 -9.68 -3.60 -8.53
CA ILE A 41 -9.42 -2.49 -9.42
C ILE A 41 -10.21 -1.26 -8.99
N PRO A 42 -9.50 -0.14 -8.74
CA PRO A 42 -10.10 1.11 -8.29
C PRO A 42 -11.23 1.60 -9.19
N ALA A 43 -12.15 2.34 -8.59
CA ALA A 43 -13.31 2.86 -9.32
C ALA A 43 -13.80 4.14 -8.67
N THR B 1 -9.37 1.27 11.63
CA THR B 1 -9.23 1.93 12.92
C THR B 1 -7.77 2.22 13.23
N ALA B 2 -6.88 1.66 12.43
CA ALA B 2 -5.46 1.89 12.57
C ALA B 2 -4.94 2.71 11.40
N PRO B 3 -4.55 3.97 11.66
CA PRO B 3 -4.05 4.85 10.62
C PRO B 3 -2.56 4.66 10.38
N PRO B 4 -2.16 4.52 9.11
CA PRO B 4 -0.77 4.42 8.72
C PRO B 4 -0.19 5.78 8.35
N PRO B 5 1.07 6.05 8.73
CA PRO B 5 1.73 7.33 8.43
C PRO B 5 1.70 7.66 6.95
N ALA B 6 1.40 8.92 6.65
CA ALA B 6 1.34 9.37 5.26
C ALA B 6 2.72 9.31 4.62
N TYR B 7 2.76 9.04 3.32
CA TYR B 7 4.03 8.91 2.61
C TYR B 7 4.80 10.24 2.63
N ALA B 8 4.10 11.31 2.98
CA ALA B 8 4.70 12.62 3.11
C ALA B 8 5.80 12.63 4.16
N THR B 9 5.58 11.90 5.25
CA THR B 9 6.55 11.83 6.32
C THR B 9 7.43 10.58 6.17
N LEU B 10 7.02 9.69 5.28
CA LEU B 10 7.75 8.46 5.04
C LEU B 10 8.88 8.69 4.03
N GLY B 11 8.57 9.42 2.98
CA GLY B 11 9.57 9.69 1.95
C GLY B 11 9.93 11.17 1.90
#